data_7S0Q
#
_entry.id   7S0Q
#
_cell.length_a   1.00
_cell.length_b   1.00
_cell.length_c   1.00
_cell.angle_alpha   90.00
_cell.angle_beta   90.00
_cell.angle_gamma   90.00
#
_symmetry.space_group_name_H-M   'P 1'
#
loop_
_entity.id
_entity.type
_entity.pdbx_description
1 polymer 'Insulin-like growth factor 1 receptor'
2 polymer 'Insulin receptor'
3 polymer 'Insulin-like growth factor I'
4 branched beta-D-mannopyranose-(1-4)-2-acetamido-2-deoxy-beta-D-glucopyranose-(1-4)-2-acetamido-2-deoxy-beta-D-glucopyranose
5 branched 2-acetamido-2-deoxy-beta-D-glucopyranose-(1-4)-2-acetamido-2-deoxy-beta-D-glucopyranose
6 non-polymer beta-D-mannopyranose
7 non-polymer 2-acetamido-2-deoxy-beta-D-glucopyranose
#
loop_
_entity_poly.entity_id
_entity_poly.type
_entity_poly.pdbx_seq_one_letter_code
_entity_poly.pdbx_strand_id
1 'polypeptide(L)'
;EICGPGIDIRNDYQQLKRLENCTVIEGYLHILLISKAEDYRSYRFPKLTVITEYLLLFRVAGLESLGDLFPNLTVIRGWK
LFYNYALVIFEMTNLKDIGLYNLRNITRGAIRIEKNADLCYLSTVDWSLILDAVSNNYIVGNKPPKECGDLCPGTMEEKP
MCEKTTINNEYNYRCWTTNRCQKMCPSTCGKRACTENNECCHPECLGSCSAPDNDTACVACRHYYYAGVCVPACPPNTYR
FEGWRCVDRDFCANILSAESSDSEGFVIHDGECMQECPSGFIRNGSQSMYCIPCEGPCPKVCEEEKKTKTIDSVTSAQML
QGCTIFKGNLLINIRRGNNIASELENFMGLIEVVTGYVKIRHSHALVSLSFLKNLRLILGEEQLEGNYSFYVLDNQNLQQ
LWDWDHRNLTIKAGKMYFAFNPKLCVSEIYRMEEVTGTKGRQSKGDINTRNNGERASCESDVLHFTSTTTSKNRIIITWH
RYRPPDYRDLISFTVYYKEAPFKNVTEYDGQDACGSNSWNMVDVDLPPNKDVEPGILLHGLKPWTQYAVYVKAVTLTMVE
NDHIRGAKSEILYIRTNASVPSIPLDVLSASNSSSQLIVKWNPPSLPNGNLSYYIVRWQRQPQDGYLYRHNYCSKDKIPI
RKYADGTIDIEEVTENPKTEVCGGEKGPCCACPKTEAEKQAEKEEAEYRKVFENFLHNSIFVPRPERKRRDVMQVANTTM
SSRSRNTTAADTYNITDPEELETEYPFFESRVDNKERTVISNLRPFTLYRIDIHSCNHEAEKLGCSASNFVFARTMPAEG
ADDIPGPVTWEPRPENSIFLKWPEPENPNGLILMYEIKYGSQVEDQRECVSRQEYRKYGGAKLNRLNPGNYTARIQATSL
SGNGSWTDPVFFYVQAKTGYENFIHRMKQLEDKVEELLSKNYHLENEVARLKKLVGERSSSEQKLISEEDLN
;
A
2 'polypeptide(L)'
;HLYPGEVCPGMDIRNNLTRLHELENCSVIEGHLQILLMFKTRPEDFRDLSFPKLIMITDYLLLFRVYGLESLKDLFPNLT
VIRGSRLFFNYALVIFEMVHLKELGLYNLMNITRGSVRIEKNNELCYLATIDWSRILDSVEDNYIVLNKDDNEECGDICP
GTAKGKTNCPATVINGQFVERCWTHSHCQKVCPTICKSHGCTAEGLCCHSECLGNCSQPDDPTKCVACRNFYLDGRCVET
CPPPYYHFQDWRCVNFSFCQDLHHKCKNSRRQGCHQYVIHNNKCIPECPSGYTMNSSNLLCTPCLGPCPKVCHLLEGEKT
IDSVTSAQELRGCTVINGSLIINIRGGNNLAAELEANLGLIEEISGYLKIRRSYALVSLSFFRKLRLIRGETLEIGNYSF
YALDNQNLRQLWDWSKHNLTITQGKLFFHYNPKLCLSEIHKMEEVSGTKGRQERNDIALKTNGDQASCENELLKFSYIRT
SFDKILLRWEPYWPPDFRDLLGFMLFYKEAPYQNVTEFDGQDACGSNSWTVVDIDPPLRSNDPKSQNHPGWLMRGLKPWT
QYAIFVKTLVTFSDERRTYGAKSDIIYVQTDATNPSVPLDPISVSNSSSQIILKWKPPSDPNGNITHYLVFWERQAEDSE
LFELDYCLKGLKLPSRTWSPPFESEDSQKHNQSEYEDSAGECCSCPKTDSQILKELEESSFRKTFEDYLHNVVFVPRKTS
SGTGAEDPRPSRKRRSLGDVGNVTVAVPTVAAFPNTSSTSVPTSPEEHRPFEKVVNKESLVISGLRHFTGYRIELQACNQ
DTPEERCSVAAYVSARTMPEAKADDIVGPVTHEIFENNVVHLMWQEPKEPNGLIVLYEVSYRRYGDEELHLCVSRKHFAL
ERGCRLRGLSPGNYSVRIRATSLAGNGSWTEPTYFYVTDYLDVPSNIARMKQLEDKVEELLSKNYHLENEVARLKKLVGE
R
;
B
3 'polypeptide(L)' GPETLCGAELVDALQFVCGDRGFYFNKPTGYGSSSRRAPQTGIVDECCFRSCDLRRLEMYCAPLKPAKSA D
#
# COMPACT_ATOMS: atom_id res chain seq x y z
N GLU A 1 33.18 -25.17 -17.51
CA GLU A 1 32.41 -26.15 -16.72
C GLU A 1 31.15 -25.48 -16.18
N ILE A 2 30.24 -26.29 -15.64
CA ILE A 2 28.96 -25.82 -15.14
C ILE A 2 28.90 -26.10 -13.65
N CYS A 3 28.83 -25.04 -12.85
CA CYS A 3 28.59 -25.19 -11.42
C CYS A 3 27.09 -25.43 -11.18
N GLY A 4 26.77 -25.66 -9.91
CA GLY A 4 25.42 -25.91 -9.49
C GLY A 4 25.38 -26.79 -8.26
N PRO A 5 24.19 -26.93 -7.65
CA PRO A 5 22.94 -26.30 -8.06
C PRO A 5 22.79 -24.87 -7.55
N GLY A 6 23.87 -24.34 -6.96
CA GLY A 6 23.81 -23.04 -6.33
C GLY A 6 25.06 -22.76 -5.53
N ILE A 7 25.45 -21.49 -5.47
CA ILE A 7 26.68 -21.06 -4.81
C ILE A 7 26.35 -19.97 -3.82
N ASP A 8 26.99 -20.03 -2.65
CA ASP A 8 26.75 -19.08 -1.56
C ASP A 8 28.10 -18.71 -0.95
N ILE A 9 28.70 -17.62 -1.45
CA ILE A 9 29.95 -17.14 -0.91
C ILE A 9 29.69 -16.40 0.39
N ARG A 10 30.32 -16.86 1.46
CA ARG A 10 29.99 -16.41 2.81
C ARG A 10 31.26 -16.39 3.66
N ASN A 11 31.61 -15.22 4.18
CA ASN A 11 32.61 -15.03 5.22
C ASN A 11 34.04 -15.31 4.77
N ASP A 12 34.30 -15.52 3.48
CA ASP A 12 35.65 -15.80 3.07
C ASP A 12 35.81 -15.51 1.58
N TYR A 13 37.02 -15.10 1.20
CA TYR A 13 37.32 -14.84 -0.20
C TYR A 13 37.76 -16.11 -0.92
N GLN A 14 38.52 -16.97 -0.25
CA GLN A 14 39.02 -18.17 -0.91
C GLN A 14 37.88 -18.99 -1.50
N GLN A 15 36.67 -18.85 -0.96
CA GLN A 15 35.52 -19.53 -1.56
C GLN A 15 35.29 -19.04 -2.97
N LEU A 16 35.69 -17.80 -3.28
CA LEU A 16 35.63 -17.32 -4.64
C LEU A 16 36.36 -18.25 -5.60
N LYS A 17 37.34 -19.00 -5.10
CA LYS A 17 38.08 -19.93 -5.95
C LYS A 17 37.20 -21.02 -6.54
N ARG A 18 35.94 -21.14 -6.09
CA ARG A 18 35.02 -22.06 -6.73
C ARG A 18 34.50 -21.55 -8.06
N LEU A 19 34.94 -20.35 -8.49
CA LEU A 19 34.50 -19.74 -9.74
C LEU A 19 35.60 -19.75 -10.80
N GLU A 20 36.71 -20.43 -10.54
CA GLU A 20 37.82 -20.44 -11.50
C GLU A 20 37.38 -21.05 -12.82
N ASN A 21 36.99 -22.32 -12.82
CA ASN A 21 36.74 -23.08 -14.03
C ASN A 21 35.33 -22.91 -14.57
N CYS A 22 34.33 -23.27 -13.77
CA CYS A 22 32.96 -23.30 -14.28
C CYS A 22 32.52 -21.93 -14.75
N THR A 23 31.97 -21.89 -15.97
CA THR A 23 31.56 -20.63 -16.58
C THR A 23 30.06 -20.41 -16.50
N VAL A 24 29.27 -21.47 -16.32
CA VAL A 24 27.82 -21.36 -16.20
C VAL A 24 27.43 -21.66 -14.76
N ILE A 25 26.49 -20.87 -14.25
CA ILE A 25 25.94 -21.05 -12.91
C ILE A 25 24.52 -21.58 -13.09
N GLU A 26 24.36 -22.90 -12.91
CA GLU A 26 23.07 -23.55 -13.07
C GLU A 26 22.24 -23.43 -11.79
N GLY A 27 22.12 -22.20 -11.33
CA GLY A 27 21.35 -21.92 -10.14
C GLY A 27 21.64 -20.53 -9.63
N TYR A 28 21.05 -20.23 -8.47
CA TYR A 28 21.24 -18.93 -7.85
C TYR A 28 22.73 -18.71 -7.55
N LEU A 29 23.03 -17.48 -7.16
CA LEU A 29 24.40 -17.10 -6.80
C LEU A 29 24.33 -16.02 -5.74
N HIS A 30 24.73 -16.36 -4.51
CA HIS A 30 24.78 -15.41 -3.42
C HIS A 30 26.23 -15.09 -3.10
N ILE A 31 26.49 -13.83 -2.77
CA ILE A 31 27.80 -13.38 -2.31
C ILE A 31 27.56 -12.36 -1.21
N LEU A 32 28.06 -12.64 -0.01
CA LEU A 32 27.58 -11.82 1.09
C LEU A 32 28.33 -12.14 2.37
N LEU A 33 28.28 -11.19 3.30
CA LEU A 33 28.82 -11.35 4.65
C LEU A 33 30.32 -11.61 4.64
N ILE A 34 31.05 -10.61 4.15
CA ILE A 34 32.51 -10.60 4.20
C ILE A 34 32.96 -9.24 4.70
N SER A 35 34.10 -9.21 5.41
CA SER A 35 34.69 -7.99 5.93
C SER A 35 36.18 -8.05 5.64
N LYS A 36 36.57 -7.56 4.47
CA LYS A 36 37.98 -7.46 4.10
C LYS A 36 38.08 -6.64 2.82
N ALA A 37 39.21 -5.93 2.69
CA ALA A 37 39.46 -5.08 1.54
C ALA A 37 40.79 -5.35 0.86
N GLU A 38 41.74 -5.97 1.54
CA GLU A 38 43.07 -6.19 0.99
C GLU A 38 43.01 -6.99 -0.30
N ASP A 39 42.37 -8.16 -0.25
CA ASP A 39 42.34 -9.09 -1.38
C ASP A 39 41.21 -8.78 -2.36
N TYR A 40 40.77 -7.53 -2.40
CA TYR A 40 39.65 -7.14 -3.26
C TYR A 40 39.90 -7.50 -4.72
N ARG A 41 41.15 -7.41 -5.17
CA ARG A 41 41.49 -7.65 -6.57
C ARG A 41 42.33 -8.90 -6.77
N SER A 42 42.59 -9.66 -5.71
CA SER A 42 43.36 -10.89 -5.85
C SER A 42 42.55 -12.00 -6.52
N TYR A 43 41.29 -11.75 -6.88
CA TYR A 43 40.44 -12.74 -7.52
C TYR A 43 39.65 -12.09 -8.63
N ARG A 44 39.52 -12.80 -9.74
CA ARG A 44 38.67 -12.39 -10.85
C ARG A 44 38.59 -13.53 -11.83
N PHE A 45 37.45 -13.63 -12.52
CA PHE A 45 37.09 -14.86 -13.24
C PHE A 45 36.57 -14.50 -14.62
N PRO A 46 37.45 -14.55 -15.64
CA PRO A 46 37.00 -14.27 -17.02
C PRO A 46 36.13 -15.35 -17.61
N LYS A 47 35.89 -16.44 -16.89
CA LYS A 47 35.17 -17.57 -17.47
C LYS A 47 33.66 -17.39 -17.38
N LEU A 48 33.17 -16.74 -16.34
CA LEU A 48 31.74 -16.61 -16.15
C LEU A 48 31.12 -15.82 -17.29
N THR A 49 30.09 -16.39 -17.92
CA THR A 49 29.44 -15.75 -19.04
C THR A 49 27.92 -15.71 -18.89
N VAL A 50 27.37 -16.64 -18.12
CA VAL A 50 25.92 -16.80 -18.03
C VAL A 50 25.52 -17.16 -16.61
N ILE A 51 24.39 -16.61 -16.17
CA ILE A 51 23.72 -17.03 -14.95
C ILE A 51 22.27 -17.34 -15.32
N THR A 52 21.62 -18.16 -14.50
CA THR A 52 20.30 -18.67 -14.82
C THR A 52 19.22 -18.23 -13.85
N GLU A 53 19.43 -18.45 -12.55
CA GLU A 53 18.37 -18.13 -11.59
C GLU A 53 18.38 -16.65 -11.22
N TYR A 54 19.44 -16.18 -10.56
CA TYR A 54 19.55 -14.79 -10.19
C TYR A 54 20.88 -14.49 -9.54
N LEU A 55 21.11 -13.23 -9.17
CA LEU A 55 22.34 -12.80 -8.53
C LEU A 55 22.00 -11.95 -7.32
N LEU A 56 22.73 -12.18 -6.23
CA LEU A 56 22.47 -11.48 -4.97
C LEU A 56 23.80 -11.11 -4.33
N LEU A 57 23.89 -9.86 -3.89
CA LEU A 57 25.06 -9.37 -3.16
C LEU A 57 24.60 -8.55 -1.98
N PHE A 58 25.22 -8.77 -0.81
CA PHE A 58 24.76 -8.17 0.43
C PHE A 58 25.91 -8.04 1.41
N ARG A 59 26.06 -6.85 1.99
CA ARG A 59 27.08 -6.57 3.00
C ARG A 59 28.48 -6.96 2.55
N VAL A 60 28.68 -7.11 1.24
CA VAL A 60 30.00 -7.45 0.73
C VAL A 60 30.93 -6.24 0.88
N ALA A 61 32.19 -6.52 1.19
CA ALA A 61 33.18 -5.49 1.43
C ALA A 61 34.40 -5.72 0.56
N GLY A 62 35.19 -4.67 0.39
CA GLY A 62 36.41 -4.71 -0.40
C GLY A 62 36.20 -4.44 -1.88
N LEU A 63 35.08 -4.91 -2.42
CA LEU A 63 34.84 -4.78 -3.85
C LEU A 63 34.55 -3.33 -4.23
N GLU A 64 35.14 -2.89 -5.33
CA GLU A 64 34.92 -1.55 -5.86
C GLU A 64 34.12 -1.53 -7.15
N SER A 65 34.30 -2.52 -8.02
CA SER A 65 33.57 -2.58 -9.28
C SER A 65 33.39 -4.05 -9.65
N LEU A 66 32.14 -4.46 -9.86
CA LEU A 66 31.86 -5.84 -10.21
C LEU A 66 32.52 -6.24 -11.53
N GLY A 67 32.63 -5.30 -12.47
CA GLY A 67 33.12 -5.65 -13.79
C GLY A 67 34.47 -6.32 -13.78
N ASP A 68 35.34 -5.95 -12.84
CA ASP A 68 36.67 -6.55 -12.79
C ASP A 68 36.61 -8.03 -12.46
N LEU A 69 35.48 -8.51 -11.95
CA LEU A 69 35.32 -9.90 -11.54
C LEU A 69 34.62 -10.76 -12.59
N PHE A 70 33.69 -10.17 -13.34
CA PHE A 70 32.92 -10.88 -14.37
C PHE A 70 33.04 -10.11 -15.67
N PRO A 71 34.18 -10.22 -16.36
CA PRO A 71 34.37 -9.48 -17.62
C PRO A 71 33.64 -10.08 -18.80
N ASN A 72 32.87 -11.15 -18.61
CA ASN A 72 32.24 -11.83 -19.73
C ASN A 72 30.80 -12.25 -19.45
N LEU A 73 30.24 -11.91 -18.29
CA LEU A 73 28.85 -12.23 -18.01
C LEU A 73 27.96 -11.42 -18.94
N THR A 74 26.99 -12.10 -19.55
CA THR A 74 26.15 -11.47 -20.55
C THR A 74 24.66 -11.64 -20.29
N VAL A 75 24.23 -12.79 -19.76
CA VAL A 75 22.82 -13.13 -19.72
C VAL A 75 22.42 -13.57 -18.32
N ILE A 76 21.17 -13.29 -17.97
CA ILE A 76 20.55 -13.76 -16.74
C ILE A 76 19.10 -14.14 -17.06
N ARG A 77 18.84 -15.44 -17.14
CA ARG A 77 17.55 -15.93 -17.60
C ARG A 77 16.49 -15.96 -16.51
N GLY A 78 16.80 -15.48 -15.30
CA GLY A 78 15.78 -15.30 -14.28
C GLY A 78 14.86 -16.48 -14.10
N TRP A 79 15.40 -17.69 -14.13
CA TRP A 79 14.56 -18.86 -13.90
C TRP A 79 13.95 -18.85 -12.50
N LYS A 80 14.59 -18.15 -11.56
CA LYS A 80 14.09 -18.04 -10.20
C LYS A 80 14.58 -16.72 -9.62
N LEU A 81 13.65 -15.93 -9.10
CA LEU A 81 13.99 -14.65 -8.51
C LEU A 81 14.20 -14.77 -7.01
N PHE A 82 14.52 -13.65 -6.37
CA PHE A 82 14.76 -13.61 -4.94
C PHE A 82 13.49 -13.22 -4.19
N TYR A 83 12.99 -12.01 -4.42
CA TYR A 83 11.68 -11.59 -3.98
C TYR A 83 10.79 -11.27 -5.18
N ASN A 84 11.23 -10.34 -6.03
CA ASN A 84 10.60 -10.10 -7.32
C ASN A 84 11.63 -9.75 -8.38
N TYR A 85 12.92 -10.01 -8.13
CA TYR A 85 14.00 -9.46 -8.93
C TYR A 85 15.03 -10.54 -9.21
N ALA A 86 15.70 -10.42 -10.35
CA ALA A 86 16.74 -11.34 -10.77
C ALA A 86 18.14 -10.86 -10.42
N LEU A 87 18.28 -9.61 -10.01
CA LEU A 87 19.57 -9.04 -9.62
C LEU A 87 19.35 -8.12 -8.43
N VAL A 88 20.04 -8.39 -7.33
CA VAL A 88 19.90 -7.62 -6.10
C VAL A 88 21.29 -7.26 -5.59
N ILE A 89 21.49 -5.98 -5.32
CA ILE A 89 22.75 -5.45 -4.80
C ILE A 89 22.39 -4.55 -3.63
N PHE A 90 22.45 -5.11 -2.42
CA PHE A 90 21.92 -4.45 -1.23
C PHE A 90 23.04 -4.20 -0.23
N GLU A 91 23.02 -3.00 0.35
CA GLU A 91 23.93 -2.63 1.44
C GLU A 91 25.36 -3.07 1.15
N MET A 92 25.89 -2.59 0.04
CA MET A 92 27.30 -2.77 -0.28
C MET A 92 28.07 -1.53 0.15
N THR A 93 29.25 -1.74 0.74
CA THR A 93 29.97 -0.67 1.40
C THR A 93 31.02 0.02 0.53
N ASN A 94 31.45 -0.62 -0.56
CA ASN A 94 32.52 -0.07 -1.37
C ASN A 94 32.29 -0.17 -2.87
N LEU A 95 31.14 -0.69 -3.31
CA LEU A 95 30.91 -0.86 -4.74
C LEU A 95 30.77 0.50 -5.40
N LYS A 96 31.76 0.86 -6.22
CA LYS A 96 31.76 2.15 -6.89
C LYS A 96 31.14 2.08 -8.28
N ASP A 97 31.03 0.89 -8.86
CA ASP A 97 30.46 0.70 -10.18
C ASP A 97 29.81 -0.66 -10.27
N ILE A 98 28.84 -0.77 -11.18
CA ILE A 98 28.15 -2.04 -11.40
C ILE A 98 28.85 -2.91 -12.43
N GLY A 99 29.65 -2.32 -13.30
CA GLY A 99 30.37 -3.13 -14.29
C GLY A 99 29.42 -3.92 -15.15
N LEU A 100 29.83 -5.13 -15.50
CA LEU A 100 29.05 -6.02 -16.38
C LEU A 100 28.81 -5.34 -17.73
N TYR A 101 29.88 -4.77 -18.28
CA TYR A 101 29.79 -4.12 -19.57
C TYR A 101 29.18 -5.05 -20.61
N ASN A 102 29.51 -6.33 -20.55
CA ASN A 102 29.05 -7.30 -21.53
C ASN A 102 27.64 -7.79 -21.23
N LEU A 103 27.06 -7.41 -20.09
CA LEU A 103 25.67 -7.76 -19.81
C LEU A 103 24.77 -7.15 -20.88
N ARG A 104 24.15 -8.01 -21.69
CA ARG A 104 23.40 -7.57 -22.85
C ARG A 104 21.93 -7.96 -22.83
N ASN A 105 21.50 -8.82 -21.90
CA ASN A 105 20.10 -9.21 -21.86
C ASN A 105 19.74 -9.75 -20.48
N ILE A 106 18.48 -9.53 -20.11
CA ILE A 106 17.86 -10.18 -18.96
C ILE A 106 16.49 -10.67 -19.40
N THR A 107 16.18 -11.92 -19.09
CA THR A 107 14.94 -12.52 -19.59
C THR A 107 13.75 -12.16 -18.71
N ARG A 108 13.78 -12.57 -17.44
CA ARG A 108 12.66 -12.38 -16.53
C ARG A 108 13.09 -11.51 -15.35
N GLY A 109 12.10 -11.15 -14.54
CA GLY A 109 12.36 -10.40 -13.32
C GLY A 109 12.87 -9.00 -13.57
N ALA A 110 12.77 -8.18 -12.54
CA ALA A 110 13.28 -6.82 -12.56
C ALA A 110 14.52 -6.74 -11.66
N ILE A 111 15.00 -5.52 -11.45
CA ILE A 111 16.18 -5.29 -10.62
C ILE A 111 15.76 -4.48 -9.41
N ARG A 112 16.49 -4.67 -8.31
CA ARG A 112 16.28 -3.92 -7.08
C ARG A 112 17.64 -3.58 -6.50
N ILE A 113 17.89 -2.30 -6.30
CA ILE A 113 19.19 -1.81 -5.83
C ILE A 113 18.94 -0.64 -4.88
N GLU A 114 19.58 -0.68 -3.71
CA GLU A 114 19.35 0.35 -2.71
C GLU A 114 20.31 0.15 -1.56
N LYS A 115 20.40 1.18 -0.71
CA LYS A 115 21.19 1.15 0.51
C LYS A 115 22.68 0.99 0.25
N ASN A 116 23.11 1.17 -0.99
CA ASN A 116 24.53 1.08 -1.31
C ASN A 116 25.23 2.38 -0.98
N ALA A 117 26.54 2.27 -0.72
CA ALA A 117 27.29 3.39 -0.16
C ALA A 117 27.72 4.38 -1.24
N ASP A 118 28.54 3.93 -2.20
CA ASP A 118 29.17 4.82 -3.17
C ASP A 118 28.89 4.36 -4.59
N LEU A 119 27.66 3.91 -4.87
CA LEU A 119 27.34 3.37 -6.17
C LEU A 119 26.56 4.37 -7.01
N CYS A 120 27.05 4.63 -8.22
CA CYS A 120 26.29 5.34 -9.24
C CYS A 120 26.50 4.61 -10.56
N TYR A 121 26.14 5.25 -11.66
CA TYR A 121 26.15 4.64 -12.99
C TYR A 121 25.03 3.62 -13.13
N LEU A 122 23.86 3.94 -12.56
CA LEU A 122 22.67 3.13 -12.72
C LEU A 122 21.67 3.73 -13.70
N SER A 123 21.54 5.05 -13.72
CA SER A 123 20.66 5.72 -14.67
C SER A 123 21.25 5.69 -16.08
N THR A 124 22.58 5.76 -16.20
CA THR A 124 23.22 5.76 -17.50
C THR A 124 22.88 4.53 -18.32
N VAL A 125 22.37 3.48 -17.70
CA VAL A 125 22.02 2.26 -18.42
C VAL A 125 20.70 2.45 -19.14
N ASP A 126 20.59 1.87 -20.33
CA ASP A 126 19.34 1.85 -21.08
C ASP A 126 18.62 0.55 -20.73
N TRP A 127 18.08 0.51 -19.51
CA TRP A 127 17.46 -0.71 -19.01
C TRP A 127 16.46 -1.28 -20.00
N SER A 128 15.82 -0.43 -20.80
CA SER A 128 14.87 -0.92 -21.79
C SER A 128 15.57 -1.80 -22.81
N LEU A 129 16.84 -1.54 -23.10
CA LEU A 129 17.57 -2.35 -24.06
C LEU A 129 18.10 -3.64 -23.44
N ILE A 130 18.33 -3.64 -22.13
CA ILE A 130 18.86 -4.79 -21.44
C ILE A 130 17.81 -5.48 -20.57
N LEU A 131 16.72 -4.80 -20.22
CA LEU A 131 15.71 -5.33 -19.33
C LEU A 131 14.33 -4.93 -19.84
N ASP A 132 13.50 -5.92 -20.15
CA ASP A 132 12.11 -5.67 -20.45
C ASP A 132 11.33 -5.48 -19.15
N ALA A 133 10.29 -4.66 -19.22
CA ALA A 133 9.47 -4.34 -18.05
C ALA A 133 10.30 -3.66 -16.96
N VAL A 134 10.89 -2.52 -17.34
CA VAL A 134 11.70 -1.75 -16.41
C VAL A 134 10.86 -1.12 -15.31
N SER A 135 9.54 -1.06 -15.49
CA SER A 135 8.69 -0.36 -14.53
C SER A 135 8.73 -1.01 -13.15
N ASN A 136 8.95 -2.32 -13.10
CA ASN A 136 8.96 -3.04 -11.82
C ASN A 136 10.28 -2.88 -11.08
N ASN A 137 11.22 -2.10 -11.59
CA ASN A 137 12.49 -1.90 -10.92
C ASN A 137 12.30 -1.14 -9.61
N TYR A 138 13.36 -1.11 -8.81
CA TYR A 138 13.39 -0.32 -7.58
C TYR A 138 14.84 0.09 -7.36
N ILE A 139 15.19 1.29 -7.81
CA ILE A 139 16.57 1.76 -7.86
C ILE A 139 16.73 3.10 -7.18
N VAL A 140 15.94 3.38 -6.13
CA VAL A 140 15.89 4.74 -5.58
C VAL A 140 16.73 4.90 -4.32
N GLY A 141 16.97 3.82 -3.57
CA GLY A 141 17.64 3.93 -2.30
C GLY A 141 19.15 3.88 -2.40
N ASN A 142 19.71 4.48 -3.44
CA ASN A 142 21.13 4.43 -3.71
C ASN A 142 21.72 5.84 -3.64
N LYS A 143 23.00 5.94 -3.97
CA LYS A 143 23.68 7.23 -3.90
C LYS A 143 23.11 8.19 -4.93
N PRO A 144 23.01 9.48 -4.62
CA PRO A 144 22.56 10.46 -5.61
C PRO A 144 23.49 10.50 -6.81
N PRO A 145 22.96 10.72 -8.01
CA PRO A 145 23.82 10.70 -9.20
C PRO A 145 24.64 11.96 -9.38
N LYS A 146 24.11 13.11 -8.95
CA LYS A 146 24.80 14.38 -9.17
C LYS A 146 26.15 14.41 -8.46
N GLU A 147 26.36 13.53 -7.48
CA GLU A 147 27.57 13.59 -6.67
C GLU A 147 28.80 13.04 -7.39
N CYS A 148 28.65 12.03 -8.25
CA CYS A 148 29.80 11.44 -8.91
C CYS A 148 29.97 11.98 -10.33
N GLY A 149 28.85 12.34 -10.97
CA GLY A 149 28.86 12.89 -12.32
C GLY A 149 28.55 11.88 -13.40
N ASP A 150 28.74 10.58 -13.12
CA ASP A 150 28.43 9.50 -14.05
C ASP A 150 28.86 9.83 -15.47
N LEU A 151 30.15 10.08 -15.63
CA LEU A 151 30.71 10.31 -16.95
C LEU A 151 31.29 9.03 -17.53
N CYS A 152 31.66 9.08 -18.79
CA CYS A 152 32.10 7.90 -19.50
C CYS A 152 32.82 8.27 -20.79
N PRO A 153 33.46 7.33 -21.49
CA PRO A 153 34.20 7.67 -22.71
C PRO A 153 33.42 8.61 -23.61
N GLY A 154 33.97 9.80 -23.80
CA GLY A 154 33.28 10.87 -24.47
C GLY A 154 33.49 12.20 -23.77
N THR A 155 34.31 12.18 -22.72
CA THR A 155 34.65 13.42 -22.03
C THR A 155 35.45 14.35 -22.92
N MET A 156 36.31 13.80 -23.77
CA MET A 156 37.09 14.60 -24.70
C MET A 156 37.42 13.81 -25.94
N LYS A 159 34.80 14.88 -27.80
CA LYS A 159 34.26 13.91 -28.74
C LYS A 159 33.54 12.78 -27.99
N PRO A 160 32.22 12.69 -28.12
CA PRO A 160 31.50 11.60 -27.44
C PRO A 160 31.80 10.25 -28.08
N MET A 161 32.37 9.36 -27.28
CA MET A 161 32.69 8.00 -27.73
C MET A 161 31.59 7.00 -27.42
N CYS A 162 31.02 7.04 -26.21
CA CYS A 162 29.95 6.13 -25.85
C CYS A 162 28.72 6.40 -26.70
N GLU A 163 28.03 5.33 -27.09
CA GLU A 163 26.85 5.46 -27.92
C GLU A 163 25.77 6.27 -27.19
N LYS A 164 24.71 6.61 -27.92
CA LYS A 164 23.70 7.52 -27.44
C LYS A 164 22.32 6.97 -27.74
N THR A 165 21.41 7.10 -26.77
CA THR A 165 20.01 6.72 -26.96
C THR A 165 19.13 7.64 -26.15
N THR A 166 17.82 7.49 -26.34
CA THR A 166 16.83 8.31 -25.67
C THR A 166 15.79 7.43 -24.99
N ILE A 167 15.41 7.81 -23.78
CA ILE A 167 14.36 7.13 -23.03
C ILE A 167 13.72 8.16 -22.10
N ASN A 168 12.40 8.03 -21.92
CA ASN A 168 11.65 8.92 -21.05
C ASN A 168 11.95 10.38 -21.35
N ASN A 169 12.00 10.70 -22.65
CA ASN A 169 12.19 12.07 -23.13
C ASN A 169 13.55 12.64 -22.78
N GLU A 170 14.55 11.78 -22.56
CA GLU A 170 15.91 12.22 -22.27
C GLU A 170 16.86 11.46 -23.19
N TYR A 171 17.63 12.19 -23.99
CA TYR A 171 18.56 11.64 -24.96
C TYR A 171 19.98 11.94 -24.48
N ASN A 172 20.76 10.90 -24.24
CA ASN A 172 22.15 11.07 -23.83
C ASN A 172 22.88 9.75 -24.01
N TYR A 173 24.11 9.69 -23.48
CA TYR A 173 24.95 8.52 -23.63
C TYR A 173 24.43 7.37 -22.75
N ARG A 174 24.86 6.16 -23.10
CA ARG A 174 24.55 4.95 -22.33
C ARG A 174 25.87 4.27 -22.02
N CYS A 175 26.27 4.29 -20.75
CA CYS A 175 27.61 3.85 -20.38
C CYS A 175 27.64 3.39 -18.94
N TRP A 176 28.31 2.26 -18.70
CA TRP A 176 28.51 1.73 -17.36
C TRP A 176 29.71 2.38 -16.68
N THR A 177 30.85 2.36 -17.33
CA THR A 177 32.14 2.68 -16.74
C THR A 177 32.76 3.88 -17.43
N THR A 178 33.82 4.39 -16.80
CA THR A 178 34.68 5.39 -17.42
C THR A 178 35.65 4.78 -18.42
N ASN A 179 35.68 3.45 -18.51
CA ASN A 179 36.51 2.74 -19.47
C ASN A 179 35.71 2.09 -20.59
N ARG A 180 34.44 1.80 -20.35
CA ARG A 180 33.61 1.11 -21.33
C ARG A 180 32.23 1.74 -21.34
N CYS A 181 31.45 1.40 -22.37
CA CYS A 181 30.14 1.97 -22.59
C CYS A 181 29.13 0.86 -22.86
N GLN A 182 27.85 1.22 -22.82
CA GLN A 182 26.77 0.31 -23.15
C GLN A 182 26.54 0.40 -24.65
N LYS A 183 27.29 -0.40 -25.41
CA LYS A 183 27.23 -0.39 -26.85
C LYS A 183 26.09 -1.30 -27.30
N MET A 184 25.03 -0.71 -27.83
CA MET A 184 23.88 -1.46 -28.30
C MET A 184 24.11 -1.95 -29.73
N CYS A 185 23.20 -2.81 -30.18
CA CYS A 185 23.27 -3.35 -31.53
C CYS A 185 22.70 -2.36 -32.52
N PRO A 186 23.07 -2.47 -33.80
CA PRO A 186 22.52 -1.56 -34.81
C PRO A 186 21.05 -1.78 -35.05
N SER A 187 20.47 -1.00 -35.98
CA SER A 187 19.07 -1.11 -36.32
C SER A 187 18.82 -2.07 -37.47
N THR A 188 19.84 -2.40 -38.26
CA THR A 188 19.65 -3.31 -39.38
C THR A 188 19.05 -4.64 -38.93
N CYS A 189 19.45 -5.13 -37.75
CA CYS A 189 18.96 -6.39 -37.23
C CYS A 189 18.09 -6.23 -35.99
N GLY A 190 18.25 -5.14 -35.23
CA GLY A 190 17.38 -4.88 -34.11
C GLY A 190 17.37 -5.97 -33.07
N LYS A 191 16.27 -6.73 -33.01
CA LYS A 191 16.10 -7.73 -31.97
C LYS A 191 17.24 -8.74 -31.96
N ARG A 192 17.84 -9.02 -33.10
CA ARG A 192 18.89 -10.04 -33.16
C ARG A 192 20.08 -9.62 -32.30
N ALA A 193 20.93 -10.59 -32.00
CA ALA A 193 22.15 -10.33 -31.25
C ALA A 193 23.21 -9.74 -32.18
N CYS A 194 24.34 -9.34 -31.61
CA CYS A 194 25.41 -8.76 -32.39
C CYS A 194 26.70 -8.74 -31.58
N THR A 195 27.82 -8.66 -32.28
CA THR A 195 29.13 -8.59 -31.67
C THR A 195 29.57 -7.12 -31.59
N GLU A 196 30.82 -6.89 -31.24
CA GLU A 196 31.38 -5.55 -31.39
C GLU A 196 31.44 -5.19 -32.86
N ASN A 197 31.78 -3.93 -33.13
CA ASN A 197 31.81 -3.38 -34.49
C ASN A 197 30.53 -3.70 -35.26
N ASN A 198 29.42 -3.94 -34.55
CA ASN A 198 28.10 -4.09 -35.14
C ASN A 198 28.09 -5.17 -36.24
N GLU A 199 28.34 -6.40 -35.81
CA GLU A 199 28.18 -7.59 -36.65
C GLU A 199 27.07 -8.44 -36.03
N CYS A 200 25.87 -8.33 -36.59
CA CYS A 200 24.71 -9.01 -36.01
C CYS A 200 24.92 -10.51 -36.00
N CYS A 201 24.55 -11.14 -34.88
CA CYS A 201 24.76 -12.56 -34.66
C CYS A 201 23.56 -13.36 -35.17
N HIS A 202 23.54 -14.66 -34.85
CA HIS A 202 22.45 -15.52 -35.26
C HIS A 202 21.12 -15.04 -34.68
N PRO A 203 20.01 -15.35 -35.33
CA PRO A 203 18.70 -15.02 -34.75
C PRO A 203 18.52 -15.48 -33.32
N GLU A 204 18.67 -16.78 -33.08
CA GLU A 204 18.40 -17.33 -31.75
C GLU A 204 19.55 -17.10 -30.77
N CYS A 205 20.51 -16.25 -31.11
CA CYS A 205 21.54 -15.86 -30.16
C CYS A 205 20.95 -14.88 -29.14
N LEU A 206 21.71 -14.67 -28.07
CA LEU A 206 21.28 -13.78 -27.00
C LEU A 206 22.52 -13.22 -26.33
N GLY A 207 22.44 -11.95 -25.95
CA GLY A 207 23.54 -11.30 -25.28
C GLY A 207 24.59 -10.80 -26.26
N SER A 208 25.36 -11.73 -26.82
CA SER A 208 26.42 -11.40 -27.77
C SER A 208 26.93 -12.70 -28.36
N CYS A 209 27.93 -12.59 -29.22
CA CYS A 209 28.58 -13.74 -29.83
C CYS A 209 29.95 -13.29 -30.34
N SER A 210 30.66 -14.22 -31.00
CA SER A 210 31.99 -13.95 -31.50
C SER A 210 32.07 -13.84 -33.01
N ALA A 211 30.95 -14.05 -33.72
CA ALA A 211 30.96 -13.97 -35.17
C ALA A 211 29.54 -13.84 -35.68
N PRO A 212 29.29 -12.98 -36.67
CA PRO A 212 27.92 -12.78 -37.13
C PRO A 212 27.35 -14.04 -37.76
N ASP A 213 26.05 -14.26 -37.54
CA ASP A 213 25.31 -15.40 -38.08
C ASP A 213 25.89 -16.74 -37.64
N ASN A 214 26.75 -16.76 -36.63
CA ASN A 214 27.32 -17.99 -36.13
C ASN A 214 26.42 -18.56 -35.05
N ASP A 215 26.14 -19.86 -35.14
CA ASP A 215 25.26 -20.52 -34.18
C ASP A 215 25.99 -21.20 -33.04
N THR A 216 27.27 -21.54 -33.22
CA THR A 216 28.05 -22.21 -32.19
C THR A 216 29.09 -21.31 -31.53
N ALA A 217 29.42 -20.17 -32.15
CA ALA A 217 30.32 -19.20 -31.56
C ALA A 217 29.59 -18.22 -30.66
N CYS A 218 28.43 -18.59 -30.14
CA CYS A 218 27.59 -17.70 -29.36
C CYS A 218 27.83 -17.94 -27.87
N VAL A 219 27.73 -16.86 -27.09
CA VAL A 219 27.99 -16.96 -25.66
C VAL A 219 26.77 -17.48 -24.91
N ALA A 220 25.56 -17.17 -25.39
CA ALA A 220 24.35 -17.56 -24.69
C ALA A 220 23.31 -17.94 -25.73
N CYS A 221 22.24 -18.57 -25.26
CA CYS A 221 21.21 -19.12 -26.10
C CYS A 221 19.85 -18.56 -25.67
N ARG A 222 19.01 -18.21 -26.63
CA ARG A 222 17.72 -17.61 -26.30
C ARG A 222 16.81 -18.60 -25.60
N HIS A 223 16.80 -19.85 -26.05
CA HIS A 223 15.90 -20.87 -25.51
C HIS A 223 16.64 -21.95 -24.72
N TYR A 224 17.59 -22.65 -25.34
CA TYR A 224 18.20 -23.78 -24.67
C TYR A 224 19.56 -24.08 -25.29
N TYR A 225 20.46 -24.58 -24.46
CA TYR A 225 21.78 -25.03 -24.88
C TYR A 225 21.73 -26.47 -25.34
N TYR A 226 22.67 -26.83 -26.21
CA TYR A 226 22.89 -28.23 -26.55
C TYR A 226 24.26 -28.33 -27.22
N ALA A 227 25.19 -29.00 -26.55
CA ALA A 227 26.55 -29.16 -27.07
C ALA A 227 27.13 -27.83 -27.50
N GLY A 228 26.76 -26.75 -26.78
CA GLY A 228 27.15 -25.42 -27.16
C GLY A 228 26.37 -24.83 -28.31
N VAL A 229 25.73 -25.67 -29.14
CA VAL A 229 24.94 -25.20 -30.27
C VAL A 229 23.71 -24.49 -29.73
N CYS A 230 23.65 -23.17 -29.91
CA CYS A 230 22.51 -22.38 -29.45
C CYS A 230 21.33 -22.63 -30.37
N VAL A 231 20.58 -23.69 -30.05
CA VAL A 231 19.35 -24.03 -30.76
C VAL A 231 18.20 -23.39 -30.01
N PRO A 232 17.20 -22.82 -30.70
CA PRO A 232 16.03 -22.25 -30.02
C PRO A 232 14.97 -23.27 -29.64
N ALA A 233 15.27 -24.57 -29.69
CA ALA A 233 14.30 -25.60 -29.36
C ALA A 233 15.04 -26.86 -28.93
N CYS A 234 14.67 -27.39 -27.78
CA CYS A 234 15.25 -28.61 -27.25
C CYS A 234 14.88 -29.80 -28.13
N PRO A 235 15.83 -30.44 -28.83
CA PRO A 235 15.47 -31.52 -29.74
C PRO A 235 14.96 -32.73 -28.98
N PRO A 236 14.32 -33.68 -29.68
CA PRO A 236 13.86 -34.90 -29.01
C PRO A 236 15.04 -35.74 -28.53
N ASN A 237 14.71 -36.71 -27.69
CA ASN A 237 15.67 -37.57 -27.00
C ASN A 237 16.39 -36.84 -25.87
N THR A 238 16.18 -35.54 -25.74
CA THR A 238 16.75 -34.73 -24.67
C THR A 238 15.61 -34.15 -23.84
N TYR A 239 15.95 -33.31 -22.86
CA TYR A 239 14.94 -32.76 -21.98
C TYR A 239 15.41 -31.43 -21.44
N ARG A 240 14.48 -30.49 -21.30
CA ARG A 240 14.82 -29.18 -20.79
C ARG A 240 15.16 -29.24 -19.31
N PHE A 241 15.99 -28.30 -18.87
CA PHE A 241 16.46 -28.28 -17.48
C PHE A 241 16.72 -26.84 -17.08
N GLU A 242 16.26 -26.49 -15.88
CA GLU A 242 16.36 -25.13 -15.36
C GLU A 242 15.85 -24.11 -16.38
N GLY A 243 14.98 -24.56 -17.28
CA GLY A 243 14.38 -23.70 -18.28
C GLY A 243 15.40 -23.00 -19.16
N TRP A 244 16.65 -23.45 -19.13
CA TRP A 244 17.68 -22.82 -19.95
C TRP A 244 18.61 -23.78 -20.67
N ARG A 245 18.66 -25.07 -20.34
CA ARG A 245 19.54 -25.96 -21.09
C ARG A 245 18.85 -27.29 -21.38
N CYS A 246 18.89 -27.66 -22.67
CA CYS A 246 18.37 -28.95 -23.12
C CYS A 246 19.47 -29.99 -22.93
N VAL A 247 19.31 -30.84 -21.91
CA VAL A 247 20.36 -31.76 -21.50
C VAL A 247 19.93 -33.20 -21.76
N ASP A 248 20.82 -34.14 -21.45
CA ASP A 248 20.59 -35.55 -21.71
C ASP A 248 19.54 -36.12 -20.76
N ARG A 249 19.15 -37.37 -21.03
CA ARG A 249 18.14 -38.04 -20.23
C ARG A 249 18.75 -38.61 -18.95
N ASP A 250 19.75 -39.50 -19.09
CA ASP A 250 20.32 -40.17 -17.93
C ASP A 250 20.79 -39.18 -16.89
N PHE A 251 21.28 -38.01 -17.31
CA PHE A 251 21.72 -37.00 -16.37
C PHE A 251 20.63 -36.65 -15.36
N CYS A 252 19.38 -36.57 -15.82
CA CYS A 252 18.28 -36.22 -14.93
C CYS A 252 18.16 -37.18 -13.75
N ALA A 253 18.77 -38.37 -13.84
CA ALA A 253 18.77 -39.33 -12.75
C ALA A 253 20.00 -39.21 -11.86
N ASN A 254 21.14 -38.79 -12.41
CA ASN A 254 22.35 -38.70 -11.62
C ASN A 254 22.31 -37.55 -10.62
N ILE A 255 21.42 -36.58 -10.82
CA ILE A 255 21.32 -35.43 -9.91
C ILE A 255 20.72 -35.89 -8.60
N LEU A 256 20.79 -35.03 -7.58
CA LEU A 256 20.24 -35.33 -6.27
C LEU A 256 19.13 -34.34 -5.94
N SER A 257 18.15 -34.80 -5.15
CA SER A 257 17.02 -33.99 -4.75
C SER A 257 16.77 -34.04 -3.24
N ALA A 258 17.61 -34.73 -2.48
CA ALA A 258 17.41 -34.83 -1.04
C ALA A 258 17.47 -33.49 -0.34
N GLU A 259 17.91 -32.43 -1.03
CA GLU A 259 17.90 -31.10 -0.42
C GLU A 259 16.50 -30.72 0.02
N SER A 260 15.49 -31.10 -0.76
CA SER A 260 14.10 -30.81 -0.46
C SER A 260 13.28 -32.08 -0.26
N SER A 261 13.41 -33.06 -1.16
CA SER A 261 12.68 -34.31 -1.08
C SER A 261 13.60 -35.44 -1.52
N ASP A 262 13.87 -36.37 -0.62
CA ASP A 262 14.81 -37.46 -0.89
C ASP A 262 14.11 -38.64 -1.56
N SER A 263 13.39 -38.37 -2.63
CA SER A 263 12.75 -39.40 -3.43
C SER A 263 13.73 -39.88 -4.50
N GLU A 264 13.23 -40.66 -5.46
CA GLU A 264 14.08 -41.22 -6.51
C GLU A 264 14.37 -40.13 -7.55
N GLY A 265 15.20 -39.18 -7.15
CA GLY A 265 15.64 -38.10 -8.02
C GLY A 265 14.47 -37.35 -8.62
N PHE A 266 14.74 -36.65 -9.71
CA PHE A 266 13.72 -35.90 -10.42
C PHE A 266 12.89 -36.88 -11.26
N VAL A 267 11.94 -36.35 -12.02
CA VAL A 267 11.08 -37.16 -12.87
C VAL A 267 10.77 -36.38 -14.14
N ILE A 268 10.58 -37.11 -15.23
CA ILE A 268 10.42 -36.51 -16.55
C ILE A 268 8.95 -36.37 -16.88
N HIS A 269 8.59 -35.22 -17.45
CA HIS A 269 7.23 -34.99 -17.93
C HIS A 269 7.24 -33.75 -18.81
N ASP A 270 6.41 -33.79 -19.86
CA ASP A 270 6.28 -32.67 -20.78
C ASP A 270 7.65 -32.23 -21.30
N GLY A 271 8.49 -33.21 -21.61
CA GLY A 271 9.81 -32.92 -22.12
C GLY A 271 10.67 -32.10 -21.18
N GLU A 272 10.49 -32.27 -19.87
CA GLU A 272 11.29 -31.55 -18.89
C GLU A 272 11.57 -32.45 -17.69
N CYS A 273 12.75 -32.25 -17.10
CA CYS A 273 13.17 -33.00 -15.92
C CYS A 273 12.75 -32.19 -14.68
N MET A 274 11.50 -32.38 -14.30
CA MET A 274 10.93 -31.64 -13.17
C MET A 274 11.33 -32.29 -11.85
N GLN A 275 11.54 -31.47 -10.83
CA GLN A 275 11.68 -32.00 -9.48
C GLN A 275 10.56 -32.98 -9.17
N GLU A 276 9.34 -32.63 -9.55
CA GLU A 276 8.21 -33.57 -9.55
C GLU A 276 7.17 -32.99 -10.50
N CYS A 277 6.76 -33.77 -11.49
CA CYS A 277 5.85 -33.25 -12.50
C CYS A 277 4.56 -32.75 -11.84
N PRO A 278 3.85 -31.81 -12.49
CA PRO A 278 2.82 -31.04 -11.80
C PRO A 278 1.67 -31.88 -11.25
N SER A 279 0.74 -31.19 -10.58
CA SER A 279 -0.40 -31.85 -9.96
C SER A 279 -1.07 -32.81 -10.93
N GLY A 280 -1.69 -33.85 -10.37
CA GLY A 280 -2.37 -34.83 -11.19
C GLY A 280 -1.47 -35.83 -11.85
N PHE A 281 -0.28 -36.05 -11.32
CA PHE A 281 0.67 -37.01 -11.90
C PHE A 281 1.51 -37.62 -10.79
N ILE A 282 1.83 -38.91 -10.94
CA ILE A 282 2.68 -39.63 -10.02
C ILE A 282 3.74 -40.39 -10.80
N ARG A 283 4.91 -40.55 -10.17
CA ARG A 283 5.99 -41.34 -10.74
C ARG A 283 5.71 -42.82 -10.46
N ASN A 284 4.70 -43.34 -11.16
CA ASN A 284 4.33 -44.75 -11.04
C ASN A 284 5.56 -45.64 -11.07
N GLY A 285 5.69 -46.49 -10.05
CA GLY A 285 6.88 -47.31 -9.92
C GLY A 285 8.12 -46.57 -9.47
N SER A 286 7.98 -45.29 -9.13
CA SER A 286 9.11 -44.49 -8.65
C SER A 286 10.24 -44.46 -9.70
N GLN A 287 9.94 -43.87 -10.85
CA GLN A 287 10.89 -43.73 -11.93
C GLN A 287 11.16 -42.26 -12.23
N SER A 288 12.39 -41.97 -12.65
CA SER A 288 12.80 -40.62 -12.97
C SER A 288 12.51 -40.23 -14.42
N MET A 289 11.79 -41.05 -15.16
CA MET A 289 11.57 -40.83 -16.57
C MET A 289 10.11 -40.75 -16.98
N TYR A 290 9.18 -41.16 -16.10
CA TYR A 290 7.78 -41.13 -16.49
C TYR A 290 6.90 -40.95 -15.25
N CYS A 291 5.85 -40.15 -15.40
CA CYS A 291 4.85 -39.99 -14.36
C CYS A 291 3.50 -39.79 -15.04
N ILE A 292 2.69 -40.84 -15.08
CA ILE A 292 1.40 -40.78 -15.75
C ILE A 292 0.44 -39.97 -14.89
N PRO A 293 -0.77 -39.68 -15.38
CA PRO A 293 -1.71 -38.90 -14.56
C PRO A 293 -2.25 -39.73 -13.40
N CYS A 294 -2.36 -39.08 -12.24
CA CYS A 294 -2.94 -39.73 -11.07
C CYS A 294 -4.31 -40.33 -11.43
N GLU A 295 -4.67 -41.40 -10.72
CA GLU A 295 -5.94 -42.06 -10.98
C GLU A 295 -7.11 -41.35 -10.31
N GLY A 296 -6.86 -40.56 -9.27
CA GLY A 296 -7.90 -39.86 -8.57
C GLY A 296 -7.78 -38.36 -8.70
N PRO A 297 -8.31 -37.61 -7.73
CA PRO A 297 -8.18 -36.15 -7.79
C PRO A 297 -6.74 -35.68 -7.67
N CYS A 298 -5.99 -36.24 -6.73
CA CYS A 298 -4.54 -36.04 -6.64
C CYS A 298 -4.17 -34.56 -6.54
N PRO A 299 -4.77 -33.81 -5.60
CA PRO A 299 -4.42 -32.40 -5.45
C PRO A 299 -3.11 -32.24 -4.69
N LYS A 300 -2.22 -31.41 -5.21
CA LYS A 300 -0.95 -31.13 -4.56
C LYS A 300 -1.20 -30.21 -3.39
N VAL A 301 -1.42 -30.79 -2.20
CA VAL A 301 -1.64 -29.97 -1.02
C VAL A 301 -0.42 -29.06 -0.83
N CYS A 302 -0.65 -27.93 -0.15
CA CYS A 302 0.37 -26.90 0.00
C CYS A 302 0.34 -26.45 1.45
N GLU A 303 1.32 -26.87 2.23
CA GLU A 303 1.27 -26.73 3.67
C GLU A 303 1.60 -25.28 4.06
N GLU A 304 1.79 -25.05 5.36
CA GLU A 304 2.05 -23.73 5.90
C GLU A 304 3.23 -23.79 6.84
N GLU A 305 4.34 -23.14 6.45
CA GLU A 305 5.43 -22.93 7.39
C GLU A 305 4.93 -22.15 8.60
N LYS A 306 4.49 -20.92 8.36
CA LYS A 306 3.67 -20.18 9.32
C LYS A 306 2.22 -20.33 8.93
N LYS A 307 1.35 -20.40 9.93
CA LYS A 307 -0.06 -20.72 9.73
C LYS A 307 -0.65 -20.00 8.52
N THR A 308 -0.23 -18.76 8.29
CA THR A 308 -0.67 -17.98 7.15
C THR A 308 0.49 -17.72 6.22
N LYS A 309 0.27 -17.92 4.93
CA LYS A 309 1.29 -17.72 3.90
C LYS A 309 1.04 -16.37 3.24
N THR A 310 1.61 -15.31 3.82
CA THR A 310 1.47 -13.97 3.26
C THR A 310 2.11 -13.94 1.88
N ILE A 311 1.35 -13.56 0.88
CA ILE A 311 1.82 -13.48 -0.50
C ILE A 311 2.00 -12.01 -0.84
N ASP A 312 3.26 -11.58 -0.95
CA ASP A 312 3.56 -10.20 -1.32
C ASP A 312 4.73 -10.14 -2.29
N SER A 313 5.06 -11.25 -2.95
CA SER A 313 6.20 -11.31 -3.85
C SER A 313 5.87 -12.26 -4.99
N VAL A 314 6.85 -12.44 -5.88
CA VAL A 314 6.69 -13.41 -6.96
C VAL A 314 7.27 -14.74 -6.55
N THR A 315 8.30 -14.76 -5.72
CA THR A 315 8.84 -16.02 -5.21
C THR A 315 7.85 -16.66 -4.24
N SER A 316 7.10 -15.85 -3.50
CA SER A 316 6.04 -16.41 -2.67
C SER A 316 5.03 -17.17 -3.52
N ALA A 317 4.81 -16.72 -4.75
CA ALA A 317 3.92 -17.44 -5.66
C ALA A 317 4.63 -18.65 -6.26
N GLN A 318 5.91 -18.50 -6.60
CA GLN A 318 6.70 -19.63 -7.08
C GLN A 318 6.61 -20.80 -6.10
N MET A 319 6.71 -20.51 -4.81
CA MET A 319 6.46 -21.53 -3.79
C MET A 319 5.11 -22.19 -4.01
N LEU A 320 4.16 -21.45 -4.59
CA LEU A 320 2.83 -21.95 -4.86
C LEU A 320 2.61 -22.22 -6.35
N GLN A 321 3.69 -22.50 -7.09
CA GLN A 321 3.55 -22.76 -8.52
C GLN A 321 2.55 -23.88 -8.76
N GLY A 322 2.84 -25.07 -8.26
CA GLY A 322 1.94 -26.20 -8.38
C GLY A 322 0.99 -26.36 -7.23
N CYS A 323 0.98 -25.42 -6.28
CA CYS A 323 0.08 -25.51 -5.13
C CYS A 323 -1.34 -25.30 -5.63
N THR A 324 -2.07 -26.40 -5.84
CA THR A 324 -3.42 -26.33 -6.39
C THR A 324 -4.49 -26.22 -5.32
N ILE A 325 -4.29 -26.85 -4.17
CA ILE A 325 -5.24 -26.78 -3.06
C ILE A 325 -4.46 -26.28 -1.85
N PHE A 326 -4.49 -24.97 -1.65
CA PHE A 326 -3.77 -24.36 -0.53
C PHE A 326 -4.59 -24.55 0.74
N LYS A 327 -4.15 -25.47 1.59
CA LYS A 327 -4.86 -25.81 2.82
C LYS A 327 -4.47 -24.89 3.97
N GLY A 328 -3.95 -23.70 3.68
CA GLY A 328 -3.58 -22.76 4.71
C GLY A 328 -4.23 -21.41 4.49
N ASN A 329 -4.22 -20.60 5.54
CA ASN A 329 -4.77 -19.26 5.44
C ASN A 329 -3.91 -18.42 4.50
N LEU A 330 -4.53 -17.42 3.89
CA LEU A 330 -3.92 -16.66 2.81
C LEU A 330 -4.09 -15.17 3.05
N LEU A 331 -3.03 -14.42 2.77
CA LEU A 331 -3.03 -12.97 2.91
C LEU A 331 -2.30 -12.36 1.72
N ILE A 332 -2.94 -11.40 1.07
CA ILE A 332 -2.35 -10.65 -0.03
C ILE A 332 -1.94 -9.28 0.49
N ASN A 333 -0.71 -8.88 0.17
CA ASN A 333 -0.18 -7.58 0.59
C ASN A 333 0.65 -6.95 -0.52
N ILE A 334 0.31 -7.20 -1.78
CA ILE A 334 1.09 -6.70 -2.90
C ILE A 334 1.01 -5.18 -2.94
N ARG A 335 2.16 -4.52 -2.87
CA ARG A 335 2.18 -3.07 -2.96
C ARG A 335 2.26 -2.60 -4.40
N ARG A 336 3.07 -3.27 -5.23
CA ARG A 336 3.32 -2.84 -6.59
C ARG A 336 3.44 -4.07 -7.48
N GLY A 337 3.70 -3.82 -8.76
CA GLY A 337 3.76 -4.86 -9.78
C GLY A 337 2.73 -4.59 -10.86
N ASN A 338 3.14 -4.77 -12.11
CA ASN A 338 2.30 -4.45 -13.26
C ASN A 338 1.89 -5.69 -14.03
N ASN A 339 2.84 -6.48 -14.50
CA ASN A 339 2.54 -7.71 -15.22
C ASN A 339 2.51 -8.94 -14.30
N ILE A 340 2.75 -8.74 -13.00
CA ILE A 340 2.71 -9.86 -12.06
C ILE A 340 1.39 -10.60 -12.18
N ALA A 341 0.31 -9.89 -12.50
CA ALA A 341 -1.00 -10.52 -12.59
C ALA A 341 -1.00 -11.69 -13.56
N SER A 342 -0.19 -11.63 -14.60
CA SER A 342 -0.10 -12.72 -15.57
C SER A 342 0.68 -13.91 -15.01
N GLU A 343 1.77 -13.65 -14.30
CA GLU A 343 2.53 -14.73 -13.68
C GLU A 343 1.70 -15.45 -12.63
N LEU A 344 0.85 -14.70 -11.93
CA LEU A 344 0.01 -15.33 -10.90
C LEU A 344 -1.02 -16.26 -11.52
N GLU A 345 -1.34 -16.07 -12.80
CA GLU A 345 -2.21 -17.01 -13.49
C GLU A 345 -1.52 -18.34 -13.75
N ASN A 346 -0.18 -18.36 -13.75
CA ASN A 346 0.57 -19.59 -13.89
C ASN A 346 0.92 -20.20 -12.53
N PHE A 347 1.18 -19.36 -11.52
CA PHE A 347 1.46 -19.84 -10.18
C PHE A 347 0.17 -20.10 -9.40
N MET A 348 -0.66 -19.08 -9.26
CA MET A 348 -1.88 -19.17 -8.46
C MET A 348 -3.11 -19.51 -9.28
N GLY A 349 -3.04 -19.38 -10.60
CA GLY A 349 -4.20 -19.67 -11.44
C GLY A 349 -4.77 -21.06 -11.24
N LEU A 350 -4.03 -21.96 -10.61
CA LEU A 350 -4.50 -23.31 -10.36
C LEU A 350 -5.10 -23.48 -8.97
N ILE A 351 -5.11 -22.44 -8.15
CA ILE A 351 -5.68 -22.55 -6.82
C ILE A 351 -7.18 -22.82 -6.95
N GLU A 352 -7.63 -23.95 -6.40
CA GLU A 352 -9.03 -24.34 -6.45
C GLU A 352 -9.74 -24.25 -5.11
N VAL A 353 -9.00 -24.25 -4.01
CA VAL A 353 -9.59 -24.17 -2.68
C VAL A 353 -8.59 -23.52 -1.75
N VAL A 354 -9.06 -22.55 -0.96
CA VAL A 354 -8.23 -21.85 0.01
C VAL A 354 -8.97 -21.92 1.34
N THR A 355 -8.66 -22.93 2.14
CA THR A 355 -9.21 -22.98 3.48
C THR A 355 -8.55 -21.89 4.35
N GLY A 356 -9.11 -21.69 5.53
CA GLY A 356 -8.66 -20.61 6.37
C GLY A 356 -9.08 -19.26 5.81
N TYR A 357 -8.89 -18.20 6.58
CA TYR A 357 -9.31 -16.88 6.13
C TYR A 357 -8.50 -16.46 4.91
N VAL A 358 -9.08 -15.54 4.14
CA VAL A 358 -8.44 -14.97 2.96
C VAL A 358 -8.51 -13.46 3.11
N LYS A 359 -7.38 -12.84 3.44
CA LYS A 359 -7.32 -11.40 3.66
C LYS A 359 -6.59 -10.74 2.50
N ILE A 360 -6.99 -9.50 2.23
CA ILE A 360 -6.37 -8.69 1.17
C ILE A 360 -6.20 -7.29 1.72
N ARG A 361 -4.96 -6.92 2.02
CA ARG A 361 -4.63 -5.65 2.63
C ARG A 361 -3.63 -4.91 1.75
N HIS A 362 -4.07 -3.80 1.17
CA HIS A 362 -3.19 -2.94 0.36
C HIS A 362 -2.65 -3.69 -0.86
N SER A 363 -3.52 -4.48 -1.50
CA SER A 363 -3.16 -5.17 -2.75
C SER A 363 -3.37 -4.25 -3.94
N HIS A 364 -2.67 -3.12 -3.91
CA HIS A 364 -2.88 -2.08 -4.91
C HIS A 364 -2.61 -2.59 -6.32
N ALA A 365 -1.65 -3.50 -6.48
CA ALA A 365 -1.24 -3.93 -7.81
C ALA A 365 -2.25 -4.82 -8.49
N LEU A 366 -3.35 -5.18 -7.82
CA LEU A 366 -4.37 -6.06 -8.38
C LEU A 366 -5.63 -5.25 -8.64
N VAL A 367 -5.96 -5.05 -9.92
CA VAL A 367 -7.19 -4.38 -10.30
C VAL A 367 -8.30 -5.37 -10.61
N SER A 368 -8.00 -6.66 -10.70
CA SER A 368 -9.00 -7.69 -10.96
C SER A 368 -8.48 -9.02 -10.46
N LEU A 369 -9.29 -9.70 -9.67
CA LEU A 369 -8.90 -10.98 -9.10
C LEU A 369 -9.18 -12.15 -10.04
N SER A 370 -9.47 -11.87 -11.31
CA SER A 370 -9.78 -12.94 -12.25
C SER A 370 -8.60 -13.87 -12.48
N PHE A 371 -7.39 -13.47 -12.07
CA PHE A 371 -6.22 -14.31 -12.30
C PHE A 371 -6.33 -15.64 -11.57
N LEU A 372 -7.12 -15.71 -10.51
CA LEU A 372 -7.39 -16.96 -9.82
C LEU A 372 -8.46 -17.75 -10.58
N LYS A 373 -8.13 -18.04 -11.84
CA LYS A 373 -9.11 -18.59 -12.77
C LYS A 373 -9.74 -19.88 -12.27
N ASN A 374 -9.11 -20.55 -11.30
CA ASN A 374 -9.61 -21.82 -10.81
C ASN A 374 -10.13 -21.74 -9.37
N LEU A 375 -9.98 -20.61 -8.70
CA LEU A 375 -10.48 -20.47 -7.34
C LEU A 375 -12.01 -20.48 -7.35
N ARG A 376 -12.60 -21.42 -6.61
CA ARG A 376 -14.05 -21.58 -6.59
C ARG A 376 -14.64 -21.72 -5.20
N LEU A 377 -13.87 -22.11 -4.19
CA LEU A 377 -14.43 -22.37 -2.86
C LEU A 377 -13.41 -21.93 -1.82
N ILE A 378 -13.74 -20.88 -1.08
CA ILE A 378 -12.97 -20.47 0.10
C ILE A 378 -13.64 -21.13 1.30
N LEU A 379 -13.11 -22.27 1.72
CA LEU A 379 -13.71 -23.01 2.83
C LEU A 379 -13.88 -22.12 4.06
N GLY A 380 -12.96 -21.19 4.28
CA GLY A 380 -13.03 -20.30 5.42
C GLY A 380 -13.27 -21.01 6.73
N GLU A 381 -12.83 -22.27 6.81
CA GLU A 381 -13.02 -23.06 8.02
C GLU A 381 -12.44 -22.35 9.24
N GLU A 382 -11.36 -21.59 9.05
CA GLU A 382 -10.70 -20.86 10.12
C GLU A 382 -10.75 -19.38 9.79
N GLN A 383 -11.55 -18.63 10.54
CA GLN A 383 -11.83 -17.23 10.26
C GLN A 383 -11.09 -16.33 11.24
N LEU A 384 -11.02 -15.05 10.88
CA LEU A 384 -10.45 -14.04 11.74
C LEU A 384 -11.48 -13.64 12.79
N GLU A 385 -11.19 -12.57 13.53
CA GLU A 385 -12.17 -12.02 14.46
C GLU A 385 -13.42 -11.60 13.69
N GLY A 386 -14.58 -12.01 14.19
CA GLY A 386 -15.83 -11.74 13.52
C GLY A 386 -16.24 -12.77 12.50
N ASN A 387 -15.63 -13.95 12.52
CA ASN A 387 -15.94 -15.02 11.58
C ASN A 387 -15.77 -14.58 10.13
N TYR A 388 -14.81 -13.70 9.88
CA TYR A 388 -14.55 -13.20 8.53
C TYR A 388 -13.78 -14.26 7.75
N SER A 389 -14.45 -14.87 6.76
CA SER A 389 -13.79 -15.82 5.88
C SER A 389 -13.28 -15.19 4.60
N PHE A 390 -13.59 -13.91 4.36
CA PHE A 390 -13.11 -13.18 3.18
C PHE A 390 -13.02 -11.71 3.57
N TYR A 391 -11.81 -11.23 3.82
CA TYR A 391 -11.58 -9.89 4.32
C TYR A 391 -10.83 -9.07 3.29
N VAL A 392 -11.28 -7.83 3.07
CA VAL A 392 -10.71 -6.92 2.11
C VAL A 392 -10.63 -5.55 2.77
N LEU A 393 -9.42 -5.09 3.07
CA LEU A 393 -9.24 -3.87 3.84
C LEU A 393 -8.24 -2.95 3.15
N ASP A 394 -8.62 -1.68 3.01
CA ASP A 394 -7.73 -0.63 2.52
C ASP A 394 -7.06 -1.02 1.21
N ASN A 395 -7.81 -1.69 0.33
CA ASN A 395 -7.30 -2.03 -0.98
C ASN A 395 -7.57 -0.88 -1.96
N GLN A 396 -6.64 -0.69 -2.88
CA GLN A 396 -6.77 0.35 -3.89
C GLN A 396 -7.71 -0.13 -5.00
N ASN A 397 -7.68 0.53 -6.15
CA ASN A 397 -8.80 0.56 -7.09
C ASN A 397 -9.59 -0.74 -7.16
N LEU A 398 -8.92 -1.84 -7.52
CA LEU A 398 -9.59 -3.12 -7.71
C LEU A 398 -10.92 -2.93 -8.45
N GLN A 399 -10.81 -2.41 -9.66
CA GLN A 399 -11.99 -2.08 -10.45
C GLN A 399 -12.99 -3.24 -10.50
N GLN A 400 -12.51 -4.47 -10.35
CA GLN A 400 -13.37 -5.63 -10.47
C GLN A 400 -12.79 -6.76 -9.63
N LEU A 401 -13.64 -7.74 -9.32
CA LEU A 401 -13.21 -8.97 -8.69
C LEU A 401 -13.13 -10.11 -9.71
N TRP A 402 -14.24 -10.40 -10.38
CA TRP A 402 -14.32 -11.49 -11.33
C TRP A 402 -15.33 -11.13 -12.41
N ASP A 403 -15.56 -12.07 -13.32
CA ASP A 403 -16.64 -11.97 -14.29
C ASP A 403 -17.77 -12.88 -13.80
N TRP A 404 -18.60 -12.31 -12.92
CA TRP A 404 -19.67 -13.08 -12.31
C TRP A 404 -20.61 -13.69 -13.34
N ASP A 405 -20.57 -13.22 -14.59
CA ASP A 405 -21.39 -13.82 -15.63
C ASP A 405 -21.05 -15.29 -15.82
N HIS A 406 -19.81 -15.67 -15.56
CA HIS A 406 -19.38 -17.06 -15.75
C HIS A 406 -18.65 -17.59 -14.53
N ARG A 407 -18.00 -16.71 -13.78
CA ARG A 407 -17.24 -17.14 -12.61
C ARG A 407 -18.18 -17.73 -11.55
N ASN A 408 -17.77 -18.86 -10.98
CA ASN A 408 -18.50 -19.52 -9.91
C ASN A 408 -17.68 -19.42 -8.63
N LEU A 409 -18.19 -18.66 -7.66
CA LEU A 409 -17.56 -18.50 -6.36
C LEU A 409 -18.59 -18.79 -5.28
N THR A 410 -18.16 -19.50 -4.23
CA THR A 410 -19.07 -19.90 -3.17
C THR A 410 -18.28 -20.12 -1.88
N ILE A 411 -18.62 -19.38 -0.84
CA ILE A 411 -18.02 -19.54 0.47
C ILE A 411 -18.88 -20.50 1.28
N LYS A 412 -18.22 -21.35 2.07
CA LYS A 412 -18.94 -22.33 2.88
C LYS A 412 -19.27 -21.81 4.26
N ALA A 413 -18.36 -21.06 4.87
CA ALA A 413 -18.57 -20.52 6.21
C ALA A 413 -17.95 -19.14 6.30
N GLY A 414 -18.34 -18.42 7.34
CA GLY A 414 -17.81 -17.09 7.57
C GLY A 414 -18.44 -16.05 6.66
N LYS A 415 -18.55 -14.82 7.16
CA LYS A 415 -19.10 -13.72 6.40
C LYS A 415 -17.98 -12.88 5.82
N MET A 416 -18.21 -12.34 4.63
CA MET A 416 -17.20 -11.55 3.95
C MET A 416 -17.08 -10.17 4.59
N TYR A 417 -16.26 -9.32 3.98
CA TYR A 417 -16.02 -7.97 4.48
C TYR A 417 -15.34 -7.19 3.38
N PHE A 418 -15.77 -5.94 3.21
CA PHE A 418 -15.23 -5.08 2.15
C PHE A 418 -15.17 -3.66 2.69
N ALA A 419 -14.13 -2.94 2.31
CA ALA A 419 -13.95 -1.58 2.81
C ALA A 419 -12.88 -0.88 2.00
N PHE A 420 -13.09 0.41 1.75
CA PHE A 420 -12.10 1.26 1.11
C PHE A 420 -11.65 0.67 -0.23
N ASN A 421 -12.61 0.56 -1.15
CA ASN A 421 -12.35 0.14 -2.52
C ASN A 421 -12.97 1.17 -3.45
N PRO A 422 -12.36 2.35 -3.55
CA PRO A 422 -13.01 3.47 -4.26
C PRO A 422 -13.47 3.14 -5.66
N LYS A 423 -12.71 2.35 -6.41
CA LYS A 423 -13.06 2.00 -7.78
C LYS A 423 -13.90 0.73 -7.87
N LEU A 424 -14.55 0.35 -6.77
CA LEU A 424 -15.43 -0.81 -6.74
C LEU A 424 -16.74 -0.39 -6.08
N CYS A 425 -17.78 -0.20 -6.88
CA CYS A 425 -19.09 0.11 -6.34
C CYS A 425 -19.78 -1.17 -5.88
N VAL A 426 -20.48 -1.07 -4.75
CA VAL A 426 -21.02 -2.24 -4.08
C VAL A 426 -21.90 -3.10 -4.97
N SER A 427 -22.34 -2.56 -6.11
CA SER A 427 -23.13 -3.36 -7.05
C SER A 427 -22.49 -4.72 -7.28
N GLU A 428 -21.19 -4.73 -7.57
CA GLU A 428 -20.49 -5.99 -7.74
C GLU A 428 -20.43 -6.79 -6.45
N ILE A 429 -20.33 -6.10 -5.31
CA ILE A 429 -20.31 -6.81 -4.03
C ILE A 429 -21.64 -7.52 -3.80
N TYR A 430 -22.75 -6.81 -4.02
CA TYR A 430 -24.05 -7.44 -3.89
C TYR A 430 -24.24 -8.55 -4.91
N ARG A 431 -23.68 -8.40 -6.11
CA ARG A 431 -23.74 -9.46 -7.09
C ARG A 431 -23.00 -10.70 -6.59
N MET A 432 -21.83 -10.50 -5.98
CA MET A 432 -21.11 -11.61 -5.38
C MET A 432 -21.94 -12.27 -4.30
N GLU A 433 -22.54 -11.47 -3.42
CA GLU A 433 -23.39 -12.02 -2.37
C GLU A 433 -24.49 -12.89 -2.97
N GLU A 434 -25.17 -12.37 -3.99
CA GLU A 434 -26.23 -13.13 -4.65
C GLU A 434 -25.67 -14.42 -5.25
N VAL A 435 -24.45 -14.37 -5.78
CA VAL A 435 -23.83 -15.57 -6.32
C VAL A 435 -23.55 -16.58 -5.22
N THR A 436 -23.29 -16.10 -4.01
CA THR A 436 -22.94 -16.94 -2.88
C THR A 436 -24.08 -17.18 -1.90
N GLY A 437 -25.15 -16.39 -1.99
CA GLY A 437 -26.25 -16.55 -1.06
C GLY A 437 -25.91 -16.17 0.37
N THR A 438 -24.85 -15.40 0.57
CA THR A 438 -24.42 -14.99 1.90
C THR A 438 -25.02 -13.64 2.32
N LYS A 439 -25.94 -13.10 1.54
CA LYS A 439 -26.54 -11.82 1.89
C LYS A 439 -27.29 -11.91 3.22
N GLY A 440 -27.84 -13.07 3.54
CA GLY A 440 -28.50 -13.27 4.82
C GLY A 440 -27.56 -13.44 5.99
N ARG A 441 -26.25 -13.34 5.76
CA ARG A 441 -25.25 -13.51 6.81
C ARG A 441 -24.53 -12.22 7.18
N GLN A 442 -24.44 -11.28 6.26
CA GLN A 442 -23.70 -10.05 6.50
C GLN A 442 -24.47 -9.13 7.45
N SER A 443 -23.78 -8.10 7.90
CA SER A 443 -24.37 -7.03 8.69
C SER A 443 -24.58 -5.81 7.81
N LYS A 444 -24.96 -4.69 8.42
CA LYS A 444 -25.14 -3.44 7.72
C LYS A 444 -23.93 -2.52 7.83
N GLY A 445 -22.98 -2.82 8.72
CA GLY A 445 -21.81 -2.00 8.87
C GLY A 445 -20.59 -2.57 8.17
N ASP A 446 -20.59 -3.88 7.93
CA ASP A 446 -19.45 -4.51 7.27
C ASP A 446 -19.32 -4.04 5.83
N ILE A 447 -20.36 -4.25 5.03
CA ILE A 447 -20.35 -3.86 3.62
C ILE A 447 -20.88 -2.43 3.58
N ASN A 448 -19.98 -1.48 3.79
CA ASN A 448 -20.33 -0.06 3.82
C ASN A 448 -20.30 0.51 2.42
N THR A 449 -21.37 1.23 2.06
CA THR A 449 -21.43 1.91 0.77
C THR A 449 -20.75 3.27 0.80
N ARG A 450 -20.32 3.74 1.97
CA ARG A 450 -19.67 5.04 2.08
C ARG A 450 -18.22 5.01 1.61
N ASN A 451 -17.59 3.84 1.58
CA ASN A 451 -16.21 3.70 1.15
C ASN A 451 -16.07 2.85 -0.10
N ASN A 452 -16.71 1.68 -0.14
CA ASN A 452 -16.67 0.81 -1.31
C ASN A 452 -17.41 1.49 -2.45
N GLY A 453 -16.67 2.04 -3.40
CA GLY A 453 -17.25 2.76 -4.51
C GLY A 453 -17.21 4.26 -4.40
N GLU A 454 -16.33 4.82 -3.57
CA GLU A 454 -16.26 6.27 -3.41
C GLU A 454 -16.09 6.96 -4.76
N ARG A 455 -15.14 6.48 -5.57
CA ARG A 455 -14.88 7.04 -6.89
C ARG A 455 -15.34 6.11 -8.01
N ALA A 456 -16.15 5.10 -7.67
CA ALA A 456 -16.65 4.15 -8.66
C ALA A 456 -17.95 4.69 -9.27
N SER A 457 -17.92 4.96 -10.57
CA SER A 457 -19.08 5.40 -11.31
C SER A 457 -19.60 4.21 -12.12
N CYS A 458 -20.75 3.67 -11.72
CA CYS A 458 -21.30 2.48 -12.34
C CYS A 458 -22.80 2.66 -12.49
N GLU A 459 -23.50 1.56 -12.77
CA GLU A 459 -24.91 1.60 -13.10
C GLU A 459 -25.69 2.44 -12.10
N SER A 460 -26.74 3.10 -12.59
CA SER A 460 -27.60 3.93 -11.75
C SER A 460 -28.81 4.36 -12.57
N ASP A 461 -29.87 4.73 -11.86
CA ASP A 461 -31.07 5.20 -12.52
C ASP A 461 -30.91 6.68 -12.90
N VAL A 462 -31.72 7.09 -13.88
CA VAL A 462 -31.64 8.43 -14.45
C VAL A 462 -32.75 9.30 -13.87
N LEU A 463 -32.50 10.61 -13.84
CA LEU A 463 -33.50 11.60 -13.47
C LEU A 463 -33.45 12.72 -14.51
N HIS A 464 -34.42 12.71 -15.41
CA HIS A 464 -34.41 13.65 -16.52
C HIS A 464 -34.82 15.03 -16.03
N PHE A 465 -33.95 16.02 -16.28
CA PHE A 465 -34.29 17.41 -15.96
C PHE A 465 -35.59 17.79 -16.67
N THR A 466 -36.63 18.06 -15.88
CA THR A 466 -37.92 18.43 -16.47
C THR A 466 -37.89 19.83 -17.06
N SER A 467 -37.17 20.76 -16.44
CA SER A 467 -37.11 22.10 -17.00
C SER A 467 -36.09 22.93 -16.24
N THR A 468 -35.53 23.92 -16.92
CA THR A 468 -34.64 24.90 -16.32
C THR A 468 -34.97 26.27 -16.88
N THR A 469 -34.80 27.30 -16.06
CA THR A 469 -34.95 28.67 -16.52
C THR A 469 -33.83 29.49 -15.89
N THR A 470 -32.93 29.99 -16.72
CA THR A 470 -31.72 30.64 -16.24
C THR A 470 -31.93 32.14 -16.11
N SER A 471 -31.09 32.75 -15.27
CA SER A 471 -31.09 34.19 -15.08
C SER A 471 -29.66 34.69 -15.10
N LYS A 472 -29.50 36.02 -15.19
CA LYS A 472 -28.17 36.60 -15.21
C LYS A 472 -27.32 36.09 -14.05
N ASN A 473 -27.94 35.78 -12.91
CA ASN A 473 -27.21 35.33 -11.74
C ASN A 473 -27.87 34.17 -11.01
N ARG A 474 -28.95 33.59 -11.53
CA ARG A 474 -29.64 32.51 -10.84
C ARG A 474 -30.24 31.57 -11.88
N ILE A 475 -30.77 30.45 -11.38
CA ILE A 475 -31.47 29.48 -12.22
C ILE A 475 -32.55 28.82 -11.37
N ILE A 476 -33.76 28.74 -11.90
CA ILE A 476 -34.83 27.96 -11.31
C ILE A 476 -34.93 26.66 -12.11
N ILE A 477 -34.55 25.56 -11.49
CA ILE A 477 -34.39 24.28 -12.17
C ILE A 477 -35.24 23.24 -11.45
N THR A 478 -36.12 22.58 -12.19
CA THR A 478 -36.99 21.54 -11.66
C THR A 478 -36.67 20.23 -12.38
N TRP A 479 -36.39 19.20 -11.61
CA TRP A 479 -36.09 17.88 -12.13
C TRP A 479 -37.22 16.92 -11.80
N HIS A 480 -37.23 15.78 -12.50
CA HIS A 480 -38.33 14.85 -12.38
C HIS A 480 -38.28 14.12 -11.05
N ARG A 481 -39.46 13.83 -10.51
CA ARG A 481 -39.57 13.07 -9.29
C ARG A 481 -39.05 11.65 -9.50
N TYR A 482 -38.44 11.09 -8.47
CA TYR A 482 -37.89 9.75 -8.58
C TYR A 482 -39.02 8.72 -8.58
N ARG A 483 -38.81 7.63 -9.32
CA ARG A 483 -39.78 6.56 -9.46
C ARG A 483 -39.20 5.27 -8.90
N PRO A 484 -39.05 5.18 -7.58
CA PRO A 484 -38.55 3.94 -6.98
C PRO A 484 -39.63 2.89 -6.92
N PRO A 485 -39.30 1.67 -6.48
CA PRO A 485 -40.35 0.67 -6.26
C PRO A 485 -41.15 0.93 -5.00
N ASP A 486 -40.63 1.73 -4.08
CA ASP A 486 -41.32 2.05 -2.83
C ASP A 486 -41.17 3.54 -2.57
N TYR A 487 -42.23 4.30 -2.84
CA TYR A 487 -42.21 5.73 -2.54
C TYR A 487 -42.07 6.00 -1.04
N ARG A 488 -42.40 5.01 -0.21
CA ARG A 488 -42.21 5.17 1.23
C ARG A 488 -40.76 5.47 1.57
N ASP A 489 -39.83 4.92 0.80
CA ASP A 489 -38.41 5.17 1.03
C ASP A 489 -38.16 6.65 1.22
N LEU A 490 -37.17 6.98 2.05
CA LEU A 490 -36.87 8.37 2.34
C LEU A 490 -36.18 9.00 1.14
N ILE A 491 -36.90 9.12 0.04
CA ILE A 491 -36.32 9.65 -1.19
C ILE A 491 -35.92 11.10 -0.94
N SER A 492 -34.64 11.39 -1.14
CA SER A 492 -34.10 12.72 -0.91
C SER A 492 -33.02 13.00 -1.96
N PHE A 493 -33.20 14.07 -2.71
CA PHE A 493 -32.27 14.39 -3.79
C PHE A 493 -31.13 15.25 -3.28
N THR A 494 -30.02 15.23 -4.01
CA THR A 494 -28.92 16.15 -3.77
C THR A 494 -28.44 16.66 -5.13
N VAL A 495 -28.57 17.97 -5.33
CA VAL A 495 -28.15 18.61 -6.57
C VAL A 495 -26.68 18.95 -6.46
N TYR A 496 -25.89 18.43 -7.38
CA TYR A 496 -24.48 18.75 -7.51
C TYR A 496 -24.30 19.72 -8.68
N TYR A 497 -23.35 20.64 -8.52
CA TYR A 497 -23.18 21.70 -9.49
C TYR A 497 -21.79 22.29 -9.37
N LYS A 498 -21.28 22.81 -10.48
CA LYS A 498 -20.05 23.59 -10.47
C LYS A 498 -19.82 24.16 -11.86
N GLU A 499 -19.09 25.28 -11.90
CA GLU A 499 -18.78 25.92 -13.18
C GLU A 499 -18.02 24.95 -14.07
N ALA A 500 -18.42 24.90 -15.35
CA ALA A 500 -17.83 24.00 -16.34
C ALA A 500 -17.44 24.81 -17.57
N PRO A 501 -16.25 25.41 -17.58
CA PRO A 501 -15.82 26.13 -18.78
C PRO A 501 -15.63 25.22 -19.98
N PHE A 502 -15.35 23.94 -19.74
CA PHE A 502 -15.14 22.96 -20.79
C PHE A 502 -15.90 21.70 -20.45
N LYS A 503 -16.43 21.03 -21.47
CA LYS A 503 -17.28 19.85 -21.26
C LYS A 503 -16.52 18.62 -20.80
N ASN A 504 -15.22 18.68 -20.53
CA ASN A 504 -14.48 17.52 -20.04
C ASN A 504 -14.61 17.41 -18.52
N VAL A 505 -15.87 17.39 -18.08
CA VAL A 505 -16.20 17.34 -16.67
C VAL A 505 -16.64 15.92 -16.31
N THR A 506 -16.38 15.52 -15.08
CA THR A 506 -16.71 14.20 -14.56
C THR A 506 -17.62 14.34 -13.35
N GLU A 507 -17.90 13.21 -12.71
CA GLU A 507 -18.76 13.18 -11.55
C GLU A 507 -17.96 13.43 -10.27
N TYR A 508 -18.68 13.62 -9.17
CA TYR A 508 -18.05 13.74 -7.87
C TYR A 508 -17.57 12.39 -7.39
N ASP A 509 -16.40 12.37 -6.76
CA ASP A 509 -15.79 11.13 -6.29
C ASP A 509 -15.36 11.21 -4.83
N GLY A 510 -15.90 12.15 -4.07
CA GLY A 510 -15.54 12.29 -2.66
C GLY A 510 -14.23 12.99 -2.42
N GLN A 511 -13.19 12.61 -3.17
CA GLN A 511 -11.88 13.22 -3.00
C GLN A 511 -11.87 14.70 -3.37
N ASP A 512 -12.88 15.17 -4.12
CA ASP A 512 -12.95 16.55 -4.56
C ASP A 512 -13.70 17.44 -3.58
N ALA A 513 -13.73 17.08 -2.30
CA ALA A 513 -14.42 17.90 -1.31
C ALA A 513 -13.85 19.32 -1.29
N CYS A 514 -12.57 19.44 -0.99
CA CYS A 514 -11.87 20.71 -0.95
C CYS A 514 -11.07 20.91 -2.23
N GLY A 515 -10.77 22.17 -2.52
CA GLY A 515 -10.02 22.52 -3.71
C GLY A 515 -10.92 22.99 -4.84
N SER A 516 -10.30 23.63 -5.82
CA SER A 516 -11.04 24.16 -6.96
C SER A 516 -11.67 23.02 -7.76
N ASN A 517 -12.76 23.34 -8.46
CA ASN A 517 -13.48 22.38 -9.28
C ASN A 517 -14.09 21.28 -8.42
N SER A 518 -14.62 21.67 -7.26
CA SER A 518 -15.28 20.76 -6.34
C SER A 518 -16.77 20.76 -6.60
N TRP A 519 -17.36 19.57 -6.67
CA TRP A 519 -18.79 19.44 -6.90
C TRP A 519 -19.54 19.98 -5.69
N ASN A 520 -20.11 21.17 -5.82
CA ASN A 520 -20.89 21.76 -4.74
C ASN A 520 -22.22 21.03 -4.66
N MET A 521 -22.64 20.72 -3.43
CA MET A 521 -23.78 19.86 -3.19
C MET A 521 -24.84 20.59 -2.38
N VAL A 522 -26.11 20.32 -2.68
CA VAL A 522 -27.22 20.90 -1.95
C VAL A 522 -28.30 19.83 -1.82
N ASP A 523 -28.66 19.49 -0.60
CA ASP A 523 -29.67 18.46 -0.34
C ASP A 523 -31.06 19.07 -0.38
N VAL A 524 -32.05 18.24 -0.73
CA VAL A 524 -33.44 18.68 -0.77
C VAL A 524 -34.36 17.48 -0.68
N ASP A 525 -35.40 17.59 0.15
CA ASP A 525 -36.37 16.52 0.28
C ASP A 525 -37.45 16.64 -0.78
N LEU A 526 -37.99 15.50 -1.19
CA LEU A 526 -39.05 15.49 -2.18
C LEU A 526 -40.27 16.23 -1.63
N PRO A 527 -40.90 17.11 -2.41
CA PRO A 527 -42.06 17.84 -1.91
C PRO A 527 -43.20 16.89 -1.58
N PRO A 528 -43.97 17.16 -0.52
CA PRO A 528 -45.06 16.25 -0.17
C PRO A 528 -46.13 16.15 -1.25
N ASN A 529 -46.45 17.27 -1.90
CA ASN A 529 -47.42 17.25 -2.97
C ASN A 529 -46.97 16.33 -4.09
N LYS A 530 -47.75 15.28 -4.36
CA LYS A 530 -47.38 14.31 -5.37
C LYS A 530 -47.51 14.85 -6.79
N ASP A 531 -48.06 16.05 -6.96
CA ASP A 531 -48.18 16.66 -8.28
C ASP A 531 -46.97 17.54 -8.60
N VAL A 532 -46.43 18.23 -7.62
CA VAL A 532 -45.28 19.09 -7.83
C VAL A 532 -44.01 18.24 -7.79
N GLU A 533 -43.08 18.54 -8.68
CA GLU A 533 -41.81 17.85 -8.75
C GLU A 533 -40.71 18.67 -8.08
N PRO A 534 -39.66 18.02 -7.59
CA PRO A 534 -38.64 18.75 -6.83
C PRO A 534 -37.94 19.80 -7.68
N GLY A 535 -37.70 20.96 -7.06
CA GLY A 535 -37.05 22.06 -7.74
C GLY A 535 -36.08 22.77 -6.81
N ILE A 536 -35.30 23.67 -7.39
CA ILE A 536 -34.36 24.48 -6.63
C ILE A 536 -34.06 25.74 -7.41
N LEU A 537 -33.89 26.84 -6.69
CA LEU A 537 -33.35 28.08 -7.24
C LEU A 537 -31.93 28.21 -6.73
N LEU A 538 -30.97 28.24 -7.66
CA LEU A 538 -29.57 28.43 -7.35
C LEU A 538 -29.14 29.84 -7.74
N HIS A 539 -28.18 30.37 -6.99
CA HIS A 539 -27.83 31.78 -7.09
C HIS A 539 -26.36 32.02 -7.41
N GLY A 540 -25.49 31.02 -7.31
CA GLY A 540 -24.11 31.18 -7.68
C GLY A 540 -23.88 30.96 -9.17
N LEU A 541 -24.40 31.86 -10.00
CA LEU A 541 -24.34 31.73 -11.44
C LEU A 541 -23.81 33.00 -12.08
N LYS A 542 -23.51 32.91 -13.38
CA LYS A 542 -23.01 34.03 -14.16
C LYS A 542 -23.87 34.22 -15.42
N PRO A 543 -24.04 35.46 -15.88
CA PRO A 543 -24.83 35.67 -17.11
C PRO A 543 -24.30 34.92 -18.31
N TRP A 544 -23.07 34.43 -18.27
CA TRP A 544 -22.47 33.80 -19.43
C TRP A 544 -21.62 32.57 -19.10
N THR A 545 -21.70 32.05 -17.87
CA THR A 545 -20.90 30.90 -17.51
C THR A 545 -21.65 29.60 -17.81
N GLN A 546 -20.90 28.57 -18.19
CA GLN A 546 -21.46 27.27 -18.53
C GLN A 546 -21.27 26.35 -17.33
N TYR A 547 -22.32 26.21 -16.53
CA TYR A 547 -22.25 25.40 -15.33
C TYR A 547 -22.68 23.97 -15.64
N ALA A 548 -21.86 23.01 -15.19
CA ALA A 548 -22.22 21.61 -15.26
C ALA A 548 -22.89 21.22 -13.94
N VAL A 549 -24.10 20.68 -14.03
CA VAL A 549 -24.89 20.37 -12.86
C VAL A 549 -25.73 19.13 -13.13
N TYR A 550 -26.03 18.40 -12.07
CA TYR A 550 -26.90 17.24 -12.13
C TYR A 550 -27.44 16.98 -10.73
N VAL A 551 -28.10 15.84 -10.56
CA VAL A 551 -28.67 15.48 -9.27
C VAL A 551 -28.41 14.00 -9.00
N LYS A 552 -28.49 13.64 -7.72
CA LYS A 552 -28.32 12.25 -7.31
C LYS A 552 -29.37 11.93 -6.26
N ALA A 553 -30.11 10.85 -6.49
CA ALA A 553 -31.16 10.41 -5.59
C ALA A 553 -30.82 9.02 -5.06
N VAL A 554 -31.22 8.76 -3.82
CA VAL A 554 -30.92 7.51 -3.15
C VAL A 554 -32.20 7.00 -2.49
N THR A 555 -32.32 5.67 -2.40
CA THR A 555 -33.47 5.08 -1.74
C THR A 555 -33.50 5.41 -0.27
N LEU A 556 -32.38 5.21 0.43
CA LEU A 556 -32.27 5.45 1.86
C LEU A 556 -33.36 4.68 2.60
N THR A 557 -33.27 3.35 2.52
CA THR A 557 -34.23 2.49 3.16
C THR A 557 -34.34 2.82 4.66
N MET A 558 -35.45 2.39 5.25
CA MET A 558 -35.68 2.64 6.67
C MET A 558 -34.50 2.15 7.50
N VAL A 559 -34.10 0.91 7.28
CA VAL A 559 -32.92 0.36 7.94
C VAL A 559 -31.68 0.73 7.13
N GLU A 560 -30.55 0.83 7.82
CA GLU A 560 -29.32 1.27 7.19
C GLU A 560 -28.88 0.29 6.10
N ASN A 561 -28.98 0.73 4.85
CA ASN A 561 -28.45 -0.02 3.71
C ASN A 561 -29.02 -1.44 3.63
N ASP A 562 -30.34 -1.50 3.42
CA ASP A 562 -30.96 -2.78 3.09
C ASP A 562 -30.61 -3.19 1.66
N HIS A 563 -31.02 -2.38 0.69
CA HIS A 563 -30.56 -2.53 -0.69
C HIS A 563 -30.63 -1.14 -1.33
N ILE A 564 -29.48 -0.45 -1.34
CA ILE A 564 -29.42 0.91 -1.85
C ILE A 564 -29.17 0.87 -3.34
N ARG A 565 -30.16 1.34 -4.11
CA ARG A 565 -30.04 1.47 -5.56
C ARG A 565 -30.03 2.96 -5.90
N GLY A 566 -28.89 3.44 -6.38
CA GLY A 566 -28.72 4.86 -6.62
C GLY A 566 -29.25 5.30 -7.96
N ALA A 567 -29.76 6.52 -8.00
CA ALA A 567 -30.26 7.15 -9.21
C ALA A 567 -29.34 8.30 -9.57
N LYS A 568 -28.66 8.18 -10.71
CA LYS A 568 -27.69 9.18 -11.15
C LYS A 568 -28.20 9.86 -12.41
N SER A 569 -28.21 11.19 -12.38
CA SER A 569 -28.67 11.99 -13.50
C SER A 569 -27.48 12.46 -14.34
N GLU A 570 -27.74 12.68 -15.62
CA GLU A 570 -26.71 13.14 -16.53
C GLU A 570 -26.17 14.50 -16.08
N ILE A 571 -24.96 14.81 -16.51
CA ILE A 571 -24.34 16.09 -16.23
C ILE A 571 -24.74 17.05 -17.35
N LEU A 572 -25.55 18.04 -17.00
CA LEU A 572 -26.09 18.99 -17.97
C LEU A 572 -25.33 20.30 -17.87
N TYR A 573 -24.90 20.83 -19.00
CA TYR A 573 -24.24 22.12 -19.08
C TYR A 573 -25.28 23.18 -19.41
N ILE A 574 -25.30 24.26 -18.62
CA ILE A 574 -26.28 25.32 -18.78
C ILE A 574 -25.56 26.66 -18.79
N ARG A 575 -25.86 27.49 -19.79
CA ARG A 575 -25.36 28.85 -19.88
C ARG A 575 -26.54 29.81 -19.75
N THR A 576 -26.49 30.66 -18.73
CA THR A 576 -27.55 31.64 -18.54
C THR A 576 -27.64 32.55 -19.76
N ASN A 577 -28.79 33.20 -19.91
CA ASN A 577 -29.04 34.03 -21.09
C ASN A 577 -27.87 34.96 -21.38
N CYS B 308 -29.23 34.93 28.84
CA CYS B 308 -30.57 35.09 29.39
C CYS B 308 -31.49 34.01 28.86
N PRO B 309 -32.62 33.79 29.55
CA PRO B 309 -33.60 32.83 29.04
C PRO B 309 -34.32 33.36 27.81
N LYS B 310 -33.96 32.81 26.64
CA LYS B 310 -34.59 33.16 25.37
C LYS B 310 -34.96 31.85 24.67
N VAL B 311 -36.17 31.36 24.95
CA VAL B 311 -36.61 30.13 24.32
C VAL B 311 -36.79 30.36 22.82
N CYS B 312 -36.88 29.27 22.08
CA CYS B 312 -37.02 29.31 20.63
C CYS B 312 -38.16 28.39 20.22
N HIS B 313 -39.35 28.95 20.07
CA HIS B 313 -40.54 28.18 19.74
C HIS B 313 -40.59 27.94 18.24
N LEU B 314 -40.50 26.68 17.83
CA LEU B 314 -40.37 26.29 16.43
C LEU B 314 -41.62 25.57 15.96
N LEU B 315 -41.74 25.45 14.64
CA LEU B 315 -42.84 24.72 14.03
C LEU B 315 -42.45 23.27 13.80
N GLU B 316 -43.30 22.35 14.27
CA GLU B 316 -43.14 20.91 14.13
C GLU B 316 -42.11 20.33 15.09
N GLY B 317 -41.42 21.16 15.86
CA GLY B 317 -40.51 20.66 16.86
C GLY B 317 -39.19 20.13 16.34
N GLU B 318 -38.93 20.24 15.04
CA GLU B 318 -37.68 19.73 14.47
C GLU B 318 -37.29 20.68 13.33
N LYS B 319 -36.32 21.55 13.59
CA LYS B 319 -35.80 22.47 12.59
C LYS B 319 -34.49 21.94 12.04
N THR B 320 -34.52 21.49 10.78
CA THR B 320 -33.29 21.08 10.11
C THR B 320 -32.48 22.31 9.74
N ILE B 321 -31.18 22.25 10.00
CA ILE B 321 -30.29 23.39 9.78
C ILE B 321 -29.13 22.88 8.93
N ASP B 322 -29.19 23.16 7.63
CA ASP B 322 -28.16 22.77 6.69
C ASP B 322 -27.41 23.96 6.11
N SER B 323 -27.61 25.16 6.64
CA SER B 323 -26.99 26.36 6.09
C SER B 323 -26.92 27.43 7.17
N VAL B 324 -25.87 28.25 7.09
CA VAL B 324 -25.73 29.36 8.03
C VAL B 324 -26.94 30.28 7.95
N THR B 325 -27.59 30.34 6.78
CA THR B 325 -28.84 31.09 6.68
C THR B 325 -29.88 30.52 7.63
N SER B 326 -29.87 29.20 7.83
CA SER B 326 -30.72 28.59 8.84
C SER B 326 -30.17 28.79 10.24
N ALA B 327 -28.87 29.05 10.38
CA ALA B 327 -28.30 29.37 11.68
C ALA B 327 -28.79 30.73 12.17
N GLN B 328 -28.82 31.71 11.28
CA GLN B 328 -29.34 33.03 11.66
C GLN B 328 -30.79 32.95 12.13
N GLU B 329 -31.55 31.98 11.62
CA GLU B 329 -32.94 31.81 12.07
C GLU B 329 -33.01 31.59 13.57
N LEU B 330 -31.97 30.97 14.15
CA LEU B 330 -31.94 30.68 15.57
C LEU B 330 -30.82 31.45 16.28
N ARG B 331 -30.26 32.46 15.63
CA ARG B 331 -29.30 33.33 16.30
C ARG B 331 -29.94 33.94 17.54
N GLY B 332 -29.43 33.59 18.71
CA GLY B 332 -30.01 34.01 19.96
C GLY B 332 -30.87 32.98 20.64
N CYS B 333 -31.24 31.91 19.94
CA CYS B 333 -32.09 30.86 20.49
C CYS B 333 -31.26 29.99 21.43
N THR B 334 -31.20 30.43 22.69
CA THR B 334 -30.43 29.70 23.69
C THR B 334 -31.14 28.39 24.07
N VAL B 335 -32.35 28.51 24.60
CA VAL B 335 -33.17 27.34 24.94
C VAL B 335 -34.02 26.99 23.74
N ILE B 336 -34.03 25.71 23.36
CA ILE B 336 -34.71 25.24 22.17
C ILE B 336 -36.03 24.59 22.56
N ASN B 337 -37.09 24.92 21.83
CA ASN B 337 -38.38 24.25 21.95
C ASN B 337 -38.50 23.28 20.79
N GLY B 338 -37.87 22.13 20.94
CA GLY B 338 -37.86 21.12 19.91
C GLY B 338 -36.50 20.45 19.84
N SER B 339 -36.17 19.98 18.64
CA SER B 339 -34.90 19.29 18.39
C SER B 339 -34.17 19.99 17.26
N LEU B 340 -33.04 19.42 16.87
CA LEU B 340 -32.21 19.98 15.81
C LEU B 340 -31.65 18.87 14.93
N ILE B 341 -31.59 19.14 13.64
CA ILE B 341 -31.05 18.23 12.64
C ILE B 341 -30.05 19.01 11.79
N ILE B 342 -28.90 18.42 11.54
CA ILE B 342 -27.79 19.10 10.87
C ILE B 342 -27.34 18.25 9.68
N ASN B 343 -27.21 18.89 8.52
CA ASN B 343 -26.68 18.25 7.33
C ASN B 343 -25.76 19.21 6.58
N ILE B 344 -24.96 19.97 7.31
CA ILE B 344 -24.07 20.95 6.70
C ILE B 344 -22.87 20.22 6.12
N ARG B 345 -22.78 20.19 4.79
CA ARG B 345 -21.72 19.46 4.10
C ARG B 345 -20.60 20.36 3.60
N GLY B 346 -20.90 21.59 3.23
CA GLY B 346 -19.89 22.49 2.69
C GLY B 346 -20.24 23.93 2.97
N GLY B 347 -19.19 24.75 3.06
CA GLY B 347 -19.38 26.17 3.30
C GLY B 347 -18.15 26.76 3.96
N ASN B 348 -18.12 28.09 3.96
CA ASN B 348 -17.02 28.85 4.53
C ASN B 348 -17.51 29.62 5.76
N ASN B 349 -16.57 29.96 6.63
CA ASN B 349 -16.87 30.70 7.85
C ASN B 349 -17.84 29.90 8.73
N LEU B 350 -17.70 28.57 8.70
CA LEU B 350 -18.58 27.73 9.50
C LEU B 350 -18.31 27.92 10.99
N ALA B 351 -17.04 27.82 11.40
CA ALA B 351 -16.72 27.86 12.81
C ALA B 351 -17.15 29.17 13.46
N ALA B 352 -16.66 30.29 12.93
CA ALA B 352 -16.92 31.58 13.58
C ALA B 352 -18.38 31.97 13.47
N GLU B 353 -19.01 31.70 12.33
CA GLU B 353 -20.43 32.04 12.18
C GLU B 353 -21.29 31.21 13.12
N LEU B 354 -21.01 29.91 13.20
CA LEU B 354 -21.76 29.06 14.12
C LEU B 354 -21.52 29.44 15.56
N GLU B 355 -20.33 29.94 15.89
CA GLU B 355 -20.09 30.42 17.25
C GLU B 355 -20.89 31.69 17.53
N ALA B 356 -20.87 32.64 16.59
CA ALA B 356 -21.58 33.89 16.79
C ALA B 356 -23.10 33.67 16.85
N ASN B 357 -23.60 32.68 16.13
CA ASN B 357 -25.05 32.46 16.06
C ASN B 357 -25.53 31.49 17.14
N LEU B 358 -25.01 30.26 17.12
CA LEU B 358 -25.43 29.21 18.02
C LEU B 358 -24.58 29.15 19.30
N GLY B 359 -23.63 30.06 19.46
CA GLY B 359 -22.83 30.08 20.68
C GLY B 359 -23.65 30.30 21.93
N LEU B 360 -24.80 30.97 21.81
CA LEU B 360 -25.66 31.25 22.95
C LEU B 360 -26.46 30.05 23.40
N ILE B 361 -26.23 28.87 22.82
CA ILE B 361 -27.07 27.71 23.08
C ILE B 361 -26.75 27.16 24.46
N GLU B 362 -27.67 27.37 25.40
CA GLU B 362 -27.49 26.94 26.78
C GLU B 362 -27.95 25.51 27.02
N GLU B 363 -28.85 25.00 26.20
CA GLU B 363 -29.46 23.70 26.47
C GLU B 363 -30.37 23.32 25.30
N ILE B 364 -30.67 22.03 25.21
CA ILE B 364 -31.60 21.50 24.21
C ILE B 364 -32.76 20.85 24.95
N SER B 365 -33.98 21.10 24.46
CA SER B 365 -35.14 20.41 25.01
C SER B 365 -35.39 19.08 24.30
N GLY B 366 -35.15 19.03 23.00
CA GLY B 366 -35.34 17.81 22.24
C GLY B 366 -34.08 16.99 22.13
N TYR B 367 -33.78 16.50 20.93
CA TYR B 367 -32.59 15.71 20.66
C TYR B 367 -31.75 16.40 19.59
N LEU B 368 -30.63 15.78 19.27
CA LEU B 368 -29.69 16.29 18.28
C LEU B 368 -29.37 15.20 17.27
N LYS B 369 -29.53 15.53 15.98
CA LYS B 369 -29.18 14.63 14.89
C LYS B 369 -28.18 15.31 13.97
N ILE B 370 -27.14 14.59 13.58
CA ILE B 370 -26.08 15.12 12.74
C ILE B 370 -25.76 14.11 11.64
N ARG B 371 -26.31 14.34 10.46
CA ARG B 371 -26.21 13.39 9.35
C ARG B 371 -25.48 14.05 8.19
N ARG B 372 -24.43 13.39 7.70
CA ARG B 372 -23.71 13.81 6.50
C ARG B 372 -23.06 15.19 6.67
N SER B 373 -22.78 15.60 7.90
CA SER B 373 -22.14 16.89 8.17
C SER B 373 -20.64 16.74 7.91
N TYR B 374 -20.25 16.99 6.66
CA TYR B 374 -18.86 16.79 6.26
C TYR B 374 -17.98 17.96 6.67
N ALA B 375 -18.27 19.15 6.15
CA ALA B 375 -17.39 20.30 6.36
C ALA B 375 -17.21 20.63 7.84
N LEU B 376 -18.08 20.11 8.71
CA LEU B 376 -17.96 20.38 10.13
C LEU B 376 -16.96 19.42 10.75
N VAL B 377 -15.97 19.98 11.44
CA VAL B 377 -14.86 19.20 12.00
C VAL B 377 -15.09 18.89 13.48
N SER B 378 -15.54 19.88 14.25
CA SER B 378 -15.71 19.73 15.68
C SER B 378 -17.07 20.30 16.07
N LEU B 379 -17.44 20.06 17.34
CA LEU B 379 -18.71 20.51 17.88
C LEU B 379 -18.55 21.69 18.83
N SER B 380 -17.33 22.21 18.99
CA SER B 380 -17.09 23.29 19.93
C SER B 380 -18.03 24.47 19.74
N PHE B 381 -18.60 24.64 18.54
CA PHE B 381 -19.52 25.75 18.31
C PHE B 381 -20.76 25.65 19.19
N PHE B 382 -20.99 24.51 19.83
CA PHE B 382 -22.02 24.40 20.87
C PHE B 382 -21.35 24.57 22.24
N ARG B 383 -20.92 25.81 22.48
CA ARG B 383 -20.15 26.11 23.68
C ARG B 383 -21.00 25.95 24.95
N LYS B 384 -22.04 26.76 25.07
CA LYS B 384 -22.81 26.83 26.32
C LYS B 384 -23.74 25.64 26.50
N LEU B 385 -23.65 24.60 25.68
CA LEU B 385 -24.56 23.47 25.79
C LEU B 385 -24.13 22.56 26.93
N ARG B 386 -25.06 22.28 27.84
CA ARG B 386 -24.74 21.52 29.04
C ARG B 386 -25.71 20.37 29.26
N LEU B 387 -26.98 20.56 28.89
CA LEU B 387 -28.04 19.63 29.24
C LEU B 387 -28.88 19.29 28.02
N ILE B 388 -29.46 18.09 28.06
CA ILE B 388 -30.42 17.62 27.06
C ILE B 388 -31.61 17.03 27.80
N ARG B 389 -32.80 17.58 27.57
CA ARG B 389 -33.98 17.06 28.25
C ARG B 389 -34.44 15.76 27.64
N GLY B 390 -34.04 15.48 26.40
CA GLY B 390 -34.43 14.25 25.75
C GLY B 390 -35.92 14.04 25.66
N GLU B 391 -36.70 15.12 25.65
CA GLU B 391 -38.15 14.99 25.49
C GLU B 391 -38.49 14.53 24.08
N THR B 392 -38.08 15.30 23.08
CA THR B 392 -38.15 14.87 21.69
C THR B 392 -36.89 14.08 21.37
N LEU B 393 -37.08 12.86 20.84
CA LEU B 393 -35.95 11.97 20.62
C LEU B 393 -36.13 11.21 19.32
N GLU B 394 -35.02 10.98 18.63
CA GLU B 394 -35.03 10.19 17.41
C GLU B 394 -35.50 8.77 17.71
N ILE B 395 -35.91 8.06 16.64
CA ILE B 395 -36.38 6.69 16.75
C ILE B 395 -35.35 5.87 17.53
N GLY B 396 -35.80 5.20 18.58
CA GLY B 396 -34.93 4.39 19.40
C GLY B 396 -34.33 5.10 20.59
N ASN B 397 -34.88 6.23 21.02
CA ASN B 397 -34.41 6.95 22.20
C ASN B 397 -32.94 7.36 22.04
N TYR B 398 -32.72 8.24 21.06
CA TYR B 398 -31.39 8.73 20.73
C TYR B 398 -31.35 10.24 20.90
N SER B 399 -30.75 10.71 22.00
CA SER B 399 -30.54 12.14 22.18
C SER B 399 -29.44 12.65 21.27
N PHE B 400 -28.34 11.92 21.20
CA PHE B 400 -27.21 12.24 20.33
C PHE B 400 -27.19 11.22 19.21
N TYR B 401 -27.37 11.69 17.97
CA TYR B 401 -27.32 10.82 16.80
C TYR B 401 -26.32 11.41 15.81
N ALA B 402 -25.41 10.57 15.33
CA ALA B 402 -24.37 10.99 14.40
C ALA B 402 -24.23 9.95 13.31
N LEU B 403 -24.06 10.41 12.07
CA LEU B 403 -23.94 9.50 10.95
C LEU B 403 -23.24 10.19 9.78
N ASP B 404 -22.31 9.48 9.15
CA ASP B 404 -21.66 9.93 7.92
C ASP B 404 -20.96 11.27 8.13
N ASN B 405 -20.18 11.36 9.20
CA ASN B 405 -19.41 12.55 9.52
C ASN B 405 -17.95 12.25 9.25
N GLN B 406 -17.50 12.58 8.04
CA GLN B 406 -16.14 12.22 7.63
C GLN B 406 -15.10 13.03 8.41
N ASN B 407 -15.11 14.35 8.25
CA ASN B 407 -14.10 15.20 8.85
C ASN B 407 -14.31 15.44 10.33
N LEU B 408 -15.21 14.68 10.98
CA LEU B 408 -15.38 14.81 12.41
C LEU B 408 -14.14 14.31 13.13
N ARG B 409 -13.44 15.22 13.82
CA ARG B 409 -12.17 14.90 14.46
C ARG B 409 -12.24 14.81 15.98
N GLN B 410 -13.13 15.55 16.62
CA GLN B 410 -13.10 15.65 18.06
C GLN B 410 -14.38 16.29 18.57
N LEU B 411 -14.79 15.89 19.77
CA LEU B 411 -15.93 16.49 20.44
C LEU B 411 -15.45 17.64 21.35
N TRP B 412 -16.41 18.30 21.98
CA TRP B 412 -16.15 19.60 22.60
C TRP B 412 -14.92 19.57 23.50
N ASP B 413 -15.01 18.84 24.61
CA ASP B 413 -13.92 18.66 25.55
C ASP B 413 -14.43 17.76 26.67
N TRP B 414 -13.50 17.07 27.32
CA TRP B 414 -13.84 16.19 28.44
C TRP B 414 -13.03 16.53 29.68
N SER B 415 -12.45 17.74 29.73
CA SER B 415 -11.83 18.28 30.93
C SER B 415 -12.40 19.62 31.35
N LYS B 416 -13.08 20.32 30.46
CA LYS B 416 -13.67 21.63 30.75
C LYS B 416 -15.18 21.64 30.63
N HIS B 417 -15.72 21.14 29.52
CA HIS B 417 -17.16 21.19 29.25
C HIS B 417 -17.83 20.00 29.91
N ASN B 418 -18.80 20.27 30.78
CA ASN B 418 -19.63 19.23 31.39
C ASN B 418 -20.91 19.07 30.58
N LEU B 419 -21.37 17.83 30.45
CA LEU B 419 -22.57 17.52 29.67
C LEU B 419 -23.52 16.67 30.49
N THR B 420 -24.78 16.65 30.05
CA THR B 420 -25.82 15.89 30.71
C THR B 420 -26.82 15.39 29.69
N ILE B 421 -27.35 14.19 29.92
CA ILE B 421 -28.36 13.58 29.06
C ILE B 421 -29.45 12.98 29.93
N THR B 422 -30.70 13.19 29.55
CA THR B 422 -31.83 12.76 30.36
C THR B 422 -32.37 11.39 29.93
N GLN B 423 -32.83 11.29 28.70
CA GLN B 423 -33.58 10.13 28.23
C GLN B 423 -32.97 9.47 27.01
N GLY B 424 -32.52 10.24 26.03
CA GLY B 424 -32.02 9.66 24.80
C GLY B 424 -30.64 9.05 24.94
N LYS B 425 -30.36 8.10 24.05
CA LYS B 425 -29.11 7.38 24.03
C LYS B 425 -28.14 8.05 23.06
N LEU B 426 -27.02 7.38 22.81
CA LEU B 426 -25.99 7.88 21.91
C LEU B 426 -25.97 7.03 20.64
N PHE B 427 -25.18 7.48 19.67
CA PHE B 427 -25.07 6.80 18.39
C PHE B 427 -23.84 7.29 17.63
N PHE B 428 -22.99 6.35 17.20
CA PHE B 428 -21.76 6.70 16.50
C PHE B 428 -21.52 5.66 15.41
N HIS B 429 -21.62 6.09 14.16
CA HIS B 429 -21.39 5.21 13.03
C HIS B 429 -20.86 6.03 11.86
N TYR B 430 -19.90 5.47 11.14
CA TYR B 430 -19.31 6.12 9.98
C TYR B 430 -18.76 7.50 10.36
N ASN B 431 -17.97 7.51 11.43
CA ASN B 431 -17.22 8.69 11.85
C ASN B 431 -15.73 8.37 11.75
N PRO B 432 -15.24 8.12 10.54
CA PRO B 432 -13.94 7.45 10.38
C PRO B 432 -12.76 8.24 10.91
N LYS B 433 -12.99 9.47 11.35
CA LYS B 433 -11.92 10.32 11.86
C LYS B 433 -12.05 10.64 13.33
N LEU B 434 -13.05 10.11 14.03
CA LEU B 434 -13.27 10.38 15.44
C LEU B 434 -12.90 9.14 16.25
N CYS B 435 -11.93 9.28 17.15
CA CYS B 435 -11.49 8.16 17.96
C CYS B 435 -12.55 7.76 18.97
N LEU B 436 -12.30 6.66 19.66
CA LEU B 436 -13.27 6.10 20.61
C LEU B 436 -13.02 6.58 22.03
N SER B 437 -11.80 7.03 22.34
CA SER B 437 -11.52 7.54 23.68
C SER B 437 -12.44 8.71 24.02
N GLU B 438 -12.60 9.65 23.08
CA GLU B 438 -13.51 10.76 23.30
C GLU B 438 -14.94 10.27 23.46
N ILE B 439 -15.31 9.22 22.72
CA ILE B 439 -16.65 8.65 22.83
C ILE B 439 -16.89 8.16 24.25
N HIS B 440 -15.93 7.42 24.80
CA HIS B 440 -16.09 6.91 26.16
C HIS B 440 -16.07 8.04 27.18
N LYS B 441 -15.24 9.06 26.94
CA LYS B 441 -15.23 10.21 27.84
C LYS B 441 -16.59 10.89 27.88
N MET B 442 -17.24 11.01 26.71
CA MET B 442 -18.60 11.52 26.69
C MET B 442 -19.55 10.60 27.44
N GLU B 443 -19.48 9.30 27.15
CA GLU B 443 -20.29 8.32 27.88
C GLU B 443 -20.19 8.54 29.38
N GLU B 444 -19.01 8.89 29.86
CA GLU B 444 -18.78 9.10 31.28
C GLU B 444 -19.35 10.43 31.76
N VAL B 445 -18.90 11.54 31.16
CA VAL B 445 -19.28 12.87 31.65
C VAL B 445 -20.78 13.08 31.47
N SER B 446 -21.28 12.82 30.27
CA SER B 446 -22.70 13.07 29.98
C SER B 446 -23.61 12.28 30.90
N GLY B 447 -23.08 11.26 31.58
CA GLY B 447 -23.92 10.42 32.41
C GLY B 447 -24.72 9.44 31.58
N THR B 448 -25.70 8.83 32.24
CA THR B 448 -26.56 7.84 31.60
C THR B 448 -25.72 6.75 30.92
N LYS B 449 -24.52 6.52 31.47
CA LYS B 449 -23.60 5.57 30.84
C LYS B 449 -24.23 4.19 30.69
N GLY B 450 -25.23 3.85 31.50
CA GLY B 450 -25.93 2.59 31.31
C GLY B 450 -26.87 2.60 30.14
N ARG B 451 -27.24 3.78 29.63
CA ARG B 451 -28.10 3.86 28.46
C ARG B 451 -27.38 3.40 27.20
N GLN B 452 -26.05 3.41 27.22
CA GLN B 452 -25.26 2.99 26.06
C GLN B 452 -25.41 1.49 25.87
N GLU B 453 -26.13 1.08 24.84
CA GLU B 453 -26.36 -0.32 24.53
C GLU B 453 -25.46 -0.74 23.37
N ARG B 454 -25.65 -1.98 22.91
CA ARG B 454 -24.85 -2.48 21.81
C ARG B 454 -25.26 -1.84 20.50
N ASN B 455 -24.30 -1.74 19.57
CA ASN B 455 -24.44 -1.14 18.25
C ASN B 455 -24.57 0.39 18.33
N ASP B 456 -24.62 0.97 19.54
CA ASP B 456 -24.62 2.41 19.65
C ASP B 456 -23.34 3.00 19.09
N ILE B 457 -22.21 2.35 19.35
CA ILE B 457 -20.91 2.80 18.86
C ILE B 457 -20.14 1.61 18.30
N ALA B 458 -20.19 1.42 16.98
CA ALA B 458 -19.37 0.40 16.35
C ALA B 458 -17.93 0.86 16.29
N LEU B 459 -17.02 0.08 16.87
CA LEU B 459 -15.61 0.47 16.90
C LEU B 459 -15.06 0.68 15.50
N LYS B 460 -15.67 0.06 14.49
CA LYS B 460 -15.26 0.29 13.12
C LYS B 460 -15.91 1.55 12.56
N THR B 461 -15.23 2.17 11.60
CA THR B 461 -15.71 3.38 10.94
C THR B 461 -15.81 4.55 11.91
N ASN B 462 -15.15 4.46 13.07
CA ASN B 462 -15.16 5.50 14.08
C ASN B 462 -13.69 5.82 14.39
N GLY B 463 -13.15 6.82 13.69
CA GLY B 463 -11.75 7.17 13.84
C GLY B 463 -10.83 6.08 13.36
N ASP B 464 -11.37 5.08 12.68
CA ASP B 464 -10.54 3.96 12.22
C ASP B 464 -9.53 4.43 11.17
N GLN B 465 -9.84 5.49 10.44
CA GLN B 465 -8.91 6.00 9.44
C GLN B 465 -7.92 6.98 10.05
N ALA B 466 -8.41 8.03 10.70
CA ALA B 466 -7.55 8.99 11.37
C ALA B 466 -6.81 8.30 12.51
N SER B 467 -5.49 8.29 12.44
CA SER B 467 -4.69 7.62 13.46
C SER B 467 -4.98 8.20 14.83
N CYS B 468 -5.34 7.33 15.77
CA CYS B 468 -5.61 7.72 17.15
C CYS B 468 -4.36 7.46 17.97
N GLU B 469 -3.61 8.52 18.27
CA GLU B 469 -2.39 8.39 19.05
C GLU B 469 -2.72 7.85 20.44
N ASN B 470 -1.98 6.83 20.86
CA ASN B 470 -2.23 6.15 22.12
C ASN B 470 -1.26 6.53 23.22
N GLU B 471 -0.01 6.82 22.87
CA GLU B 471 1.05 7.08 23.82
C GLU B 471 1.38 8.57 23.86
N LEU B 472 2.00 8.98 24.95
CA LEU B 472 2.40 10.37 25.16
C LEU B 472 3.89 10.54 24.88
N LEU B 473 4.25 11.74 24.42
CA LEU B 473 5.63 12.11 24.18
C LEU B 473 6.05 13.25 25.11
N LYS B 474 7.35 13.34 25.34
CA LYS B 474 7.91 14.27 26.32
C LYS B 474 9.00 15.10 25.67
N PHE B 475 8.99 16.39 25.95
CA PHE B 475 10.06 17.30 25.50
C PHE B 475 11.16 17.27 26.55
N SER B 476 12.23 16.52 26.27
CA SER B 476 13.32 16.38 27.22
C SER B 476 14.13 17.66 27.38
N TYR B 477 14.05 18.58 26.42
CA TYR B 477 14.90 19.75 26.43
C TYR B 477 14.31 20.79 25.48
N ILE B 478 14.31 22.04 25.90
CA ILE B 478 13.67 23.11 25.13
C ILE B 478 14.47 24.39 25.30
N ARG B 479 14.34 25.29 24.32
CA ARG B 479 15.00 26.58 24.36
C ARG B 479 14.20 27.56 23.52
N THR B 480 13.65 28.59 24.17
CA THR B 480 12.92 29.65 23.47
C THR B 480 13.86 30.81 23.20
N SER B 481 13.85 31.30 21.96
CA SER B 481 14.54 32.51 21.56
C SER B 481 13.50 33.54 21.15
N PHE B 482 13.96 34.64 20.56
CA PHE B 482 13.05 35.67 20.09
C PHE B 482 12.58 35.40 18.66
N ASP B 483 13.28 34.57 17.90
CA ASP B 483 12.95 34.31 16.51
C ASP B 483 12.86 32.84 16.16
N LYS B 484 13.42 31.95 16.97
CA LYS B 484 13.31 30.51 16.76
C LYS B 484 13.18 29.83 18.12
N ILE B 485 12.92 28.52 18.06
CA ILE B 485 12.77 27.71 19.27
C ILE B 485 13.33 26.33 19.00
N LEU B 486 14.25 25.89 19.86
CA LEU B 486 14.88 24.59 19.76
C LEU B 486 14.17 23.58 20.66
N LEU B 487 13.95 22.38 20.14
CA LEU B 487 13.21 21.35 20.84
C LEU B 487 13.96 20.03 20.73
N ARG B 488 13.89 19.23 21.78
CA ARG B 488 14.53 17.93 21.84
C ARG B 488 13.65 17.03 22.69
N TRP B 489 13.06 16.01 22.08
CA TRP B 489 12.11 15.16 22.78
C TRP B 489 12.63 13.74 22.89
N GLU B 490 11.90 12.94 23.65
CA GLU B 490 12.31 11.58 23.92
C GLU B 490 12.45 10.80 22.61
N PRO B 491 13.46 9.93 22.49
CA PRO B 491 13.58 9.13 21.26
C PRO B 491 12.56 8.00 21.24
N TYR B 492 11.32 8.32 20.88
CA TYR B 492 10.31 7.28 20.77
C TYR B 492 10.68 6.32 19.65
N TRP B 493 10.76 5.04 20.00
CA TRP B 493 11.15 4.02 19.05
C TRP B 493 10.30 2.77 19.21
N PRO B 494 9.43 2.44 18.26
CA PRO B 494 8.64 1.22 18.38
C PRO B 494 9.52 -0.01 18.28
N PRO B 495 8.96 -1.20 18.46
CA PRO B 495 9.78 -2.41 18.31
C PRO B 495 10.47 -2.49 16.96
N ASP B 496 9.79 -2.08 15.90
CA ASP B 496 10.37 -2.02 14.55
C ASP B 496 10.77 -0.57 14.32
N PHE B 497 11.99 -0.23 14.71
CA PHE B 497 12.45 1.15 14.66
C PHE B 497 12.23 1.76 13.28
N ARG B 498 12.35 0.96 12.23
CA ARG B 498 12.21 1.48 10.87
C ARG B 498 10.78 1.85 10.52
N ASP B 499 9.80 1.50 11.36
CA ASP B 499 8.42 1.89 11.09
C ASP B 499 8.16 3.37 11.33
N LEU B 500 9.15 4.11 11.80
CA LEU B 500 8.99 5.53 12.11
C LEU B 500 9.47 6.35 10.91
N LEU B 501 8.53 6.87 10.13
CA LEU B 501 8.89 7.64 8.96
C LEU B 501 9.31 9.08 9.30
N GLY B 502 9.09 9.50 10.53
CA GLY B 502 9.46 10.84 10.95
C GLY B 502 8.50 11.33 12.01
N PHE B 503 8.57 12.63 12.26
CA PHE B 503 7.68 13.30 13.18
C PHE B 503 6.99 14.47 12.48
N MET B 504 5.79 14.79 12.96
CA MET B 504 4.99 15.87 12.41
C MET B 504 4.70 16.86 13.54
N LEU B 505 5.54 17.87 13.67
CA LEU B 505 5.31 18.93 14.63
C LEU B 505 4.19 19.84 14.13
N PHE B 506 3.30 20.23 15.03
CA PHE B 506 2.24 21.16 14.72
C PHE B 506 2.36 22.35 15.65
N TYR B 507 2.18 23.55 15.10
CA TYR B 507 2.35 24.75 15.89
C TYR B 507 1.51 25.87 15.28
N LYS B 508 1.13 26.81 16.13
CA LYS B 508 0.40 27.99 15.68
C LYS B 508 0.30 28.97 16.83
N GLU B 509 0.37 30.26 16.51
CA GLU B 509 0.21 31.27 17.55
C GLU B 509 -1.11 31.06 18.28
N ALA B 510 -1.09 31.33 19.59
CA ALA B 510 -2.27 31.14 20.41
C ALA B 510 -2.16 31.98 21.68
N PRO B 511 -2.62 33.23 21.66
CA PRO B 511 -2.50 34.06 22.87
C PRO B 511 -3.36 33.58 24.02
N TYR B 512 -4.48 32.93 23.74
CA TYR B 512 -5.36 32.38 24.77
C TYR B 512 -5.12 30.89 24.88
N GLN B 513 -4.87 30.42 26.10
CA GLN B 513 -4.64 29.00 26.32
C GLN B 513 -5.90 28.16 26.15
N ASN B 514 -7.04 28.78 25.88
CA ASN B 514 -8.29 28.03 25.69
C ASN B 514 -8.34 27.34 24.34
N VAL B 515 -7.25 27.34 23.59
CA VAL B 515 -7.21 26.67 22.30
C VAL B 515 -6.94 25.18 22.51
N THR B 516 -7.48 24.36 21.63
CA THR B 516 -7.29 22.92 21.69
C THR B 516 -7.16 22.40 20.26
N GLU B 517 -7.25 21.09 20.10
CA GLU B 517 -7.14 20.48 18.79
C GLU B 517 -8.48 20.52 18.06
N PHE B 518 -8.40 20.67 16.73
CA PHE B 518 -9.59 20.62 15.88
C PHE B 518 -10.56 21.74 16.21
N ASP B 519 -10.03 22.92 16.54
CA ASP B 519 -10.90 24.07 16.82
C ASP B 519 -11.52 24.62 15.55
N GLY B 520 -10.90 24.37 14.39
CA GLY B 520 -11.42 24.87 13.15
C GLY B 520 -10.83 24.17 11.93
N GLN B 521 -11.69 23.75 11.01
CA GLN B 521 -11.25 23.04 9.82
C GLN B 521 -12.37 22.94 8.79
N ASP B 522 -12.07 23.31 7.55
CA ASP B 522 -13.03 23.20 6.46
C ASP B 522 -13.02 21.76 5.95
N ALA B 523 -13.63 21.52 4.79
CA ALA B 523 -13.55 20.19 4.18
C ALA B 523 -12.10 19.71 4.12
N CYS B 524 -11.16 20.64 3.97
CA CYS B 524 -9.73 20.36 4.10
C CYS B 524 -9.16 21.20 5.23
N GLY B 525 -8.05 20.73 5.79
CA GLY B 525 -7.48 21.32 6.99
C GLY B 525 -6.15 22.01 6.75
N SER B 526 -6.00 22.63 5.58
CA SER B 526 -4.79 23.36 5.23
C SER B 526 -4.88 24.83 5.62
N ASN B 527 -5.65 25.15 6.65
CA ASN B 527 -5.94 26.53 7.01
C ASN B 527 -5.65 26.87 8.47
N SER B 528 -5.76 25.90 9.38
CA SER B 528 -5.70 26.20 10.80
C SER B 528 -4.29 26.06 11.37
N TRP B 529 -3.72 24.86 11.31
CA TRP B 529 -2.45 24.58 11.96
C TRP B 529 -1.29 24.86 11.03
N THR B 530 -0.10 24.98 11.61
CA THR B 530 1.15 25.13 10.86
C THR B 530 1.98 23.87 11.10
N VAL B 531 2.16 23.07 10.06
CA VAL B 531 2.78 21.76 10.17
C VAL B 531 4.24 21.85 9.76
N VAL B 532 5.05 20.95 10.31
CA VAL B 532 6.47 20.87 10.01
C VAL B 532 6.90 19.41 10.11
N ASP B 533 7.48 18.88 9.05
CA ASP B 533 7.98 17.53 9.05
C ASP B 533 9.41 17.49 9.58
N ILE B 534 9.75 16.38 10.23
CA ILE B 534 11.08 16.16 10.78
C ILE B 534 11.50 14.74 10.46
N ASP B 535 12.59 14.60 9.71
CA ASP B 535 13.05 13.29 9.30
C ASP B 535 13.28 12.41 10.53
N PRO B 536 13.28 11.09 10.35
CA PRO B 536 13.52 10.19 11.48
C PRO B 536 14.85 10.51 12.15
N PRO B 537 15.03 10.07 13.39
CA PRO B 537 16.33 10.29 14.06
C PRO B 537 17.41 9.37 13.51
N LEU B 538 18.58 9.40 14.13
CA LEU B 538 19.71 8.56 13.75
C LEU B 538 19.83 7.46 14.80
N ARG B 539 19.50 6.23 14.38
CA ARG B 539 19.59 5.10 15.29
C ARG B 539 21.00 4.51 15.27
N SER B 540 21.38 3.92 16.40
CA SER B 540 22.70 3.33 16.55
C SER B 540 22.61 2.19 17.54
N ASN B 541 23.66 1.35 17.54
CA ASN B 541 23.77 0.33 18.56
C ASN B 541 23.79 0.97 19.94
N ASP B 542 23.62 0.14 20.96
CA ASP B 542 23.47 0.67 22.31
C ASP B 542 22.34 1.70 22.31
N PRO B 543 21.08 1.25 22.21
CA PRO B 543 19.96 2.18 22.01
C PRO B 543 20.02 3.43 22.88
N LYS B 544 20.62 3.31 24.06
CA LYS B 544 20.81 4.48 24.92
C LYS B 544 21.67 5.54 24.27
N SER B 545 22.45 5.18 23.24
CA SER B 545 23.40 6.11 22.65
C SER B 545 22.75 7.09 21.68
N GLN B 546 21.59 6.75 21.13
CA GLN B 546 20.93 7.64 20.18
C GLN B 546 20.52 8.93 20.86
N ASN B 547 20.92 10.07 20.28
CA ASN B 547 20.58 11.35 20.85
C ASN B 547 19.08 11.61 20.75
N HIS B 548 18.56 12.35 21.72
CA HIS B 548 17.16 12.73 21.73
C HIS B 548 16.82 13.46 20.44
N PRO B 549 15.98 12.91 19.57
CA PRO B 549 15.62 13.63 18.34
C PRO B 549 15.00 14.98 18.66
N GLY B 550 15.30 15.96 17.81
CA GLY B 550 14.84 17.32 18.03
C GLY B 550 14.54 18.02 16.72
N TRP B 551 14.37 19.33 16.82
CA TRP B 551 14.09 20.17 15.67
C TRP B 551 14.07 21.62 16.11
N LEU B 552 14.35 22.52 15.16
CA LEU B 552 14.37 23.95 15.41
C LEU B 552 13.28 24.60 14.58
N MET B 553 12.29 25.19 15.26
CA MET B 553 11.24 25.94 14.59
C MET B 553 11.70 27.37 14.39
N ARG B 554 11.47 27.90 13.19
CA ARG B 554 11.97 29.20 12.79
C ARG B 554 10.82 30.15 12.51
N GLY B 555 11.11 31.45 12.60
CA GLY B 555 10.17 32.48 12.20
C GLY B 555 8.98 32.63 13.14
N LEU B 556 9.22 33.10 14.36
CA LEU B 556 8.17 33.32 15.34
C LEU B 556 8.32 34.69 15.97
N LYS B 557 7.21 35.41 16.03
CA LYS B 557 7.23 36.80 16.47
C LYS B 557 7.82 36.90 17.87
N PRO B 558 8.69 37.88 18.14
CA PRO B 558 9.22 38.05 19.49
C PRO B 558 8.13 38.39 20.50
N TRP B 559 8.17 37.75 21.65
CA TRP B 559 7.24 38.03 22.75
C TRP B 559 5.81 37.64 22.38
N THR B 560 5.64 36.38 21.97
CA THR B 560 4.34 35.90 21.50
C THR B 560 4.15 34.45 21.91
N GLN B 561 2.92 34.12 22.32
CA GLN B 561 2.59 32.79 22.79
C GLN B 561 2.17 31.91 21.60
N TYR B 562 2.86 30.80 21.43
CA TYR B 562 2.54 29.79 20.44
C TYR B 562 2.16 28.49 21.12
N ALA B 563 1.19 27.79 20.54
CA ALA B 563 0.77 26.47 20.99
C ALA B 563 1.32 25.45 20.02
N ILE B 564 1.97 24.43 20.57
CA ILE B 564 2.77 23.49 19.77
C ILE B 564 2.63 22.09 20.37
N PHE B 565 2.76 21.09 19.51
CA PHE B 565 2.74 19.71 19.96
C PHE B 565 3.30 18.80 18.88
N VAL B 566 3.88 17.70 19.32
CA VAL B 566 4.48 16.72 18.44
C VAL B 566 3.42 15.71 18.02
N LYS B 567 3.68 15.04 16.89
CA LYS B 567 2.79 14.02 16.39
C LYS B 567 3.62 13.03 15.59
N THR B 568 3.63 11.78 16.02
CA THR B 568 4.48 10.78 15.41
C THR B 568 3.99 10.43 14.00
N LEU B 569 4.92 10.35 13.06
CA LEU B 569 4.62 9.86 11.71
C LEU B 569 5.10 8.42 11.65
N VAL B 570 4.16 7.49 11.76
CA VAL B 570 4.49 6.07 11.83
C VAL B 570 3.79 5.35 10.69
N THR B 571 3.97 4.04 10.63
CA THR B 571 3.43 3.22 9.56
C THR B 571 2.34 2.31 10.10
N PHE B 572 1.33 2.08 9.28
CA PHE B 572 0.24 1.18 9.65
C PHE B 572 0.66 -0.26 9.41
N SER B 573 0.48 -1.10 10.43
CA SER B 573 0.72 -2.52 10.32
C SER B 573 -0.49 -3.16 9.65
N ASP B 574 -0.58 -4.49 9.71
CA ASP B 574 -1.73 -5.19 9.16
C ASP B 574 -3.05 -4.61 9.67
N GLU B 575 -3.05 -4.07 10.89
CA GLU B 575 -4.23 -3.45 11.48
C GLU B 575 -3.85 -2.16 12.20
N ARG B 576 -2.97 -1.36 11.58
CA ARG B 576 -2.46 -0.12 12.17
C ARG B 576 -2.10 -0.33 13.63
N ARG B 577 -1.52 -1.49 13.94
CA ARG B 577 -1.15 -1.79 15.32
C ARG B 577 -0.17 -0.79 15.88
N THR B 578 0.66 -0.18 15.02
CA THR B 578 1.70 0.73 15.48
C THR B 578 1.10 2.12 15.71
N TYR B 579 0.27 2.20 16.74
CA TYR B 579 -0.34 3.47 17.13
C TYR B 579 0.72 4.37 17.73
N GLY B 580 1.07 5.43 17.02
CA GLY B 580 2.10 6.35 17.48
C GLY B 580 1.69 7.08 18.75
N ALA B 581 2.43 8.15 19.03
CA ALA B 581 2.24 8.93 20.23
C ALA B 581 2.11 10.41 19.86
N LYS B 582 1.85 11.21 20.88
CA LYS B 582 1.79 12.65 20.74
C LYS B 582 1.82 13.28 22.12
N SER B 583 2.35 14.50 22.18
CA SER B 583 2.42 15.25 23.42
C SER B 583 1.21 16.16 23.55
N ASP B 584 1.22 16.98 24.58
CA ASP B 584 0.10 17.86 24.85
C ASP B 584 0.33 19.23 24.22
N ILE B 585 -0.75 20.00 24.11
CA ILE B 585 -0.68 21.35 23.57
C ILE B 585 0.12 22.20 24.54
N ILE B 586 1.31 22.62 24.12
CA ILE B 586 2.26 23.34 24.94
C ILE B 586 2.26 24.80 24.52
N TYR B 587 2.01 25.70 25.47
CA TYR B 587 2.03 27.13 25.23
C TYR B 587 3.37 27.70 25.64
N VAL B 588 3.96 28.52 24.77
CA VAL B 588 5.29 29.08 24.98
C VAL B 588 5.34 30.48 24.39
N GLN B 589 5.69 31.47 25.20
CA GLN B 589 5.78 32.84 24.73
C GLN B 589 7.20 33.12 24.24
N THR B 590 7.29 33.74 23.06
CA THR B 590 8.59 34.05 22.48
C THR B 590 9.33 35.07 23.34
N ASP B 591 10.57 35.33 22.98
CA ASP B 591 11.37 36.33 23.68
C ASP B 591 11.14 37.71 23.09
N ALA B 592 11.26 38.73 23.93
CA ALA B 592 11.05 40.12 23.53
C ALA B 592 12.36 40.70 23.03
N THR B 593 12.37 41.18 21.78
CA THR B 593 13.56 41.74 21.18
C THR B 593 13.38 43.23 20.88
N CYS B 683 7.00 29.75 -4.85
CA CYS B 683 6.57 28.67 -5.74
C CYS B 683 5.88 27.57 -4.93
N SER B 684 4.86 27.95 -4.16
CA SER B 684 4.12 27.00 -3.32
C SER B 684 5.06 26.28 -2.36
N CYS B 685 5.70 27.07 -1.50
CA CYS B 685 6.59 26.50 -0.50
C CYS B 685 5.94 25.40 0.33
N PRO B 686 4.71 25.55 0.84
CA PRO B 686 4.11 24.47 1.63
C PRO B 686 4.05 23.16 0.84
N LYS B 687 4.40 22.07 1.52
CA LYS B 687 4.43 20.77 0.89
C LYS B 687 3.03 20.16 0.85
N THR B 688 2.84 19.22 -0.08
CA THR B 688 1.55 18.56 -0.24
C THR B 688 1.39 17.44 0.79
N ASP B 689 0.36 17.55 1.63
CA ASP B 689 0.13 16.52 2.64
C ASP B 689 -0.08 15.16 2.00
N SER B 690 -0.63 15.13 0.79
CA SER B 690 -0.81 13.85 0.09
C SER B 690 0.50 13.08 -0.01
N GLN B 691 1.61 13.80 -0.12
CA GLN B 691 2.93 13.15 -0.19
C GLN B 691 3.10 12.13 0.92
N ILE B 692 2.52 12.40 2.10
CA ILE B 692 2.64 11.48 3.22
C ILE B 692 2.24 10.07 2.79
N LEU B 693 1.08 9.94 2.15
CA LEU B 693 0.64 8.63 1.68
C LEU B 693 1.69 7.99 0.79
N LYS B 694 2.24 8.77 -0.14
CA LYS B 694 3.26 8.23 -1.04
C LYS B 694 4.48 7.75 -0.26
N GLU B 695 4.79 8.39 0.86
CA GLU B 695 5.92 7.97 1.68
C GLU B 695 5.63 6.68 2.44
N LEU B 696 4.36 6.29 2.56
CA LEU B 696 4.00 5.12 3.34
C LEU B 696 4.18 3.84 2.53
N GLU B 697 3.46 3.72 1.42
CA GLU B 697 3.51 2.48 0.64
C GLU B 697 4.92 2.13 0.21
N GLU B 698 5.77 3.14 0.00
CA GLU B 698 7.16 2.86 -0.35
C GLU B 698 7.93 2.31 0.84
N SER B 699 7.76 2.93 2.01
CA SER B 699 8.48 2.47 3.20
C SER B 699 8.12 1.03 3.50
N SER B 700 6.83 0.72 3.63
CA SER B 700 6.40 -0.65 3.86
C SER B 700 6.92 -1.59 2.77
N PHE B 701 7.32 -1.07 1.62
CA PHE B 701 7.86 -1.92 0.56
C PHE B 701 9.27 -2.37 0.90
N ARG B 702 10.08 -1.47 1.48
CA ARG B 702 11.45 -1.83 1.82
C ARG B 702 11.49 -2.82 2.98
N LYS B 703 10.70 -2.56 4.03
CA LYS B 703 10.73 -3.44 5.19
C LYS B 703 10.19 -4.82 4.84
N THR B 704 9.26 -4.89 3.90
CA THR B 704 8.75 -6.18 3.45
C THR B 704 9.82 -6.97 2.71
N PHE B 705 10.88 -6.31 2.26
CA PHE B 705 11.96 -6.98 1.55
C PHE B 705 13.04 -7.49 2.52
N GLU B 706 13.55 -6.61 3.38
CA GLU B 706 14.56 -7.03 4.35
C GLU B 706 14.04 -8.18 5.20
N ASP B 707 12.85 -8.02 5.79
CA ASP B 707 12.27 -9.09 6.59
C ASP B 707 12.19 -10.39 5.80
N TYR B 708 12.01 -10.30 4.49
CA TYR B 708 12.01 -11.49 3.65
C TYR B 708 13.43 -12.02 3.46
N LEU B 709 14.36 -11.13 3.14
CA LEU B 709 15.76 -11.53 2.98
C LEU B 709 16.23 -12.35 4.16
N HIS B 710 16.23 -11.74 5.35
CA HIS B 710 16.67 -12.45 6.54
C HIS B 710 15.83 -13.68 6.83
N ASN B 711 14.59 -13.72 6.32
CA ASN B 711 13.73 -14.87 6.55
C ASN B 711 14.20 -16.10 5.81
N VAL B 712 15.10 -15.95 4.83
CA VAL B 712 15.59 -17.09 4.06
C VAL B 712 17.11 -17.16 3.99
N VAL B 713 17.84 -16.11 4.35
CA VAL B 713 19.29 -16.12 4.21
C VAL B 713 19.93 -16.92 5.35
N PHE B 714 19.74 -16.46 6.58
CA PHE B 714 20.41 -17.09 7.72
C PHE B 714 19.81 -18.47 8.01
N VAL B 715 20.58 -19.28 8.71
CA VAL B 715 20.18 -20.64 9.05
C VAL B 715 20.64 -20.97 10.46
N PRO B 716 19.76 -21.46 11.34
CA PRO B 716 20.21 -21.89 12.67
C PRO B 716 20.72 -23.33 12.63
N ARG B 717 21.91 -23.53 13.19
CA ARG B 717 22.49 -24.86 13.22
C ARG B 717 21.95 -25.67 14.40
N LYS B 718 22.05 -26.98 14.28
CA LYS B 718 21.60 -27.89 15.32
C LYS B 718 22.29 -27.57 16.65
N GLU C 3 16.58 -6.57 24.34
CA GLU C 3 16.04 -5.62 23.37
C GLU C 3 15.71 -6.31 22.06
N THR C 4 14.71 -5.81 21.35
CA THR C 4 14.34 -6.34 20.05
C THR C 4 15.28 -5.79 18.98
N LEU C 5 15.47 -6.58 17.93
CA LEU C 5 16.39 -6.26 16.85
C LEU C 5 15.68 -6.35 15.52
N CYS C 6 16.03 -5.43 14.61
CA CYS C 6 15.42 -5.39 13.29
C CYS C 6 16.41 -4.80 12.30
N GLY C 7 16.18 -5.11 11.03
CA GLY C 7 16.93 -4.49 9.95
C GLY C 7 18.43 -4.60 10.12
N ALA C 8 19.12 -3.52 9.79
CA ALA C 8 20.57 -3.55 9.76
C ALA C 8 21.17 -3.85 11.14
N GLU C 9 20.47 -3.48 12.21
CA GLU C 9 20.99 -3.73 13.54
C GLU C 9 21.03 -5.21 13.88
N LEU C 10 20.04 -5.99 13.43
CA LEU C 10 20.09 -7.43 13.63
C LEU C 10 21.36 -8.01 13.03
N VAL C 11 21.68 -7.61 11.79
CA VAL C 11 22.86 -8.15 11.13
C VAL C 11 24.13 -7.62 11.78
N ASP C 12 24.12 -6.37 12.24
CA ASP C 12 25.29 -5.84 12.95
C ASP C 12 25.56 -6.66 14.21
N ALA C 13 24.51 -7.03 14.94
CA ALA C 13 24.70 -7.84 16.14
C ALA C 13 25.16 -9.24 15.78
N LEU C 14 24.57 -9.84 14.74
CA LEU C 14 25.01 -11.16 14.30
C LEU C 14 26.48 -11.13 13.90
N GLN C 15 26.93 -10.04 13.31
CA GLN C 15 28.34 -9.89 12.95
C GLN C 15 29.20 -9.78 14.20
N PHE C 16 28.84 -8.85 15.11
CA PHE C 16 29.55 -8.75 16.37
C PHE C 16 29.68 -10.11 17.05
N VAL C 17 28.69 -10.97 16.85
CA VAL C 17 28.73 -12.30 17.45
C VAL C 17 29.71 -13.21 16.72
N CYS C 18 29.52 -13.37 15.41
CA CYS C 18 30.31 -14.34 14.66
C CYS C 18 31.75 -13.88 14.50
N GLY C 19 31.95 -12.73 13.84
CA GLY C 19 33.31 -12.28 13.60
C GLY C 19 34.02 -13.23 12.66
N ASP C 20 35.27 -13.56 13.01
CA ASP C 20 36.05 -14.46 12.18
C ASP C 20 35.54 -15.89 12.19
N ARG C 21 34.49 -16.18 12.96
CA ARG C 21 33.94 -17.53 13.01
C ARG C 21 33.06 -17.85 11.81
N GLY C 22 32.33 -16.87 11.28
CA GLY C 22 31.53 -17.09 10.09
C GLY C 22 30.13 -17.59 10.38
N PHE C 23 29.22 -17.36 9.42
CA PHE C 23 27.83 -17.76 9.57
C PHE C 23 27.60 -19.12 8.91
N TYR C 24 26.53 -19.79 9.35
CA TYR C 24 26.20 -21.13 8.88
C TYR C 24 24.94 -21.08 8.03
N PHE C 25 25.02 -21.61 6.81
CA PHE C 25 23.88 -21.73 5.92
C PHE C 25 23.59 -23.21 5.68
N ASN C 26 22.53 -23.46 4.91
CA ASN C 26 22.18 -24.80 4.47
C ASN C 26 22.78 -25.03 3.09
N LYS C 27 23.76 -25.92 3.01
CA LYS C 27 24.41 -26.19 1.73
C LYS C 27 23.43 -26.81 0.76
N PRO C 28 23.31 -26.31 -0.47
CA PRO C 28 22.46 -26.98 -1.46
C PRO C 28 23.08 -28.29 -1.93
N THR C 29 22.53 -29.41 -1.47
CA THR C 29 23.10 -30.71 -1.77
C THR C 29 22.64 -31.25 -3.12
N GLY C 30 21.50 -30.79 -3.63
CA GLY C 30 20.97 -31.31 -4.88
C GLY C 30 20.15 -30.26 -5.60
N TYR C 31 19.98 -30.48 -6.90
CA TYR C 31 19.24 -29.55 -7.72
C TYR C 31 17.77 -29.49 -7.28
N GLY C 32 17.05 -28.52 -7.83
CA GLY C 32 15.67 -28.31 -7.46
C GLY C 32 15.52 -27.37 -6.27
N SER C 33 14.33 -27.39 -5.70
CA SER C 33 14.07 -26.57 -4.53
C SER C 33 14.88 -27.06 -3.34
N SER C 34 15.00 -26.20 -2.34
CA SER C 34 15.69 -26.56 -1.11
C SER C 34 14.67 -27.08 -0.10
N SER C 35 15.17 -27.44 1.09
CA SER C 35 14.28 -27.92 2.15
C SER C 35 13.32 -26.81 2.54
N ARG C 36 12.39 -27.11 3.44
CA ARG C 36 11.53 -26.08 3.99
C ARG C 36 12.36 -24.88 4.38
N ARG C 37 12.03 -23.72 3.81
CA ARG C 37 12.90 -22.54 3.92
C ARG C 37 13.35 -22.30 5.36
N ALA C 38 12.58 -22.76 6.34
CA ALA C 38 13.00 -22.74 7.72
C ALA C 38 12.10 -23.68 8.52
N PRO C 39 12.66 -24.50 9.42
CA PRO C 39 11.78 -25.38 10.22
C PRO C 39 10.75 -24.61 11.03
N GLN C 40 10.92 -23.30 11.18
CA GLN C 40 9.95 -22.45 11.82
C GLN C 40 9.70 -21.23 10.93
N THR C 41 8.99 -20.24 11.45
CA THR C 41 8.82 -18.99 10.72
C THR C 41 10.17 -18.27 10.62
N GLY C 42 10.15 -17.10 10.02
CA GLY C 42 11.36 -16.30 9.92
C GLY C 42 11.99 -16.03 11.27
N ILE C 43 13.23 -15.55 11.27
CA ILE C 43 13.91 -15.28 12.53
C ILE C 43 13.43 -13.96 13.13
N VAL C 44 13.11 -12.98 12.28
CA VAL C 44 12.58 -11.71 12.77
C VAL C 44 11.38 -11.96 13.66
N ASP C 45 10.66 -13.05 13.43
CA ASP C 45 9.60 -13.47 14.34
C ASP C 45 10.12 -13.79 15.74
N GLU C 46 11.44 -13.80 15.93
CA GLU C 46 12.04 -14.02 17.24
C GLU C 46 12.85 -12.83 17.73
N CYS C 47 13.39 -11.99 16.84
CA CYS C 47 14.19 -10.84 17.23
C CYS C 47 13.45 -9.53 17.10
N CYS C 48 12.64 -9.35 16.05
CA CYS C 48 11.84 -8.15 15.91
C CYS C 48 10.64 -8.19 16.84
N PHE C 49 9.82 -9.24 16.72
CA PHE C 49 8.61 -9.36 17.52
C PHE C 49 8.91 -9.74 18.96
N ARG C 50 10.06 -10.37 19.22
CA ARG C 50 10.45 -10.75 20.55
C ARG C 50 11.89 -10.31 20.80
N SER C 51 12.22 -10.14 22.07
CA SER C 51 13.57 -9.74 22.47
C SER C 51 14.45 -10.98 22.49
N CYS C 52 15.16 -11.21 21.38
CA CYS C 52 16.05 -12.36 21.27
C CYS C 52 17.38 -12.04 21.92
N ASP C 53 17.86 -12.95 22.77
CA ASP C 53 19.10 -12.76 23.49
C ASP C 53 20.27 -13.35 22.71
N LEU C 54 21.47 -13.21 23.26
CA LEU C 54 22.66 -13.73 22.60
C LEU C 54 22.53 -15.22 22.29
N ARG C 55 21.73 -15.94 23.08
CA ARG C 55 21.56 -17.36 22.85
C ARG C 55 21.04 -17.62 21.44
N ARG C 56 19.96 -16.94 21.06
CA ARG C 56 19.42 -17.11 19.71
C ARG C 56 20.43 -16.68 18.66
N LEU C 57 21.22 -15.65 18.95
CA LEU C 57 22.19 -15.15 17.99
C LEU C 57 23.29 -16.17 17.72
N GLU C 58 23.69 -16.93 18.74
CA GLU C 58 24.72 -17.94 18.56
C GLU C 58 24.22 -19.17 17.81
N MET C 59 22.89 -19.33 17.67
CA MET C 59 22.34 -20.51 17.04
C MET C 59 22.54 -20.50 15.52
N TYR C 60 22.80 -19.35 14.92
CA TYR C 60 22.97 -19.22 13.48
C TYR C 60 24.42 -19.14 13.06
N CYS C 61 25.35 -19.08 14.01
CA CYS C 61 26.76 -18.87 13.71
C CYS C 61 27.44 -20.19 13.39
N ALA C 62 28.70 -20.09 12.96
CA ALA C 62 29.49 -21.24 12.56
C ALA C 62 30.84 -21.22 13.27
N PRO C 63 31.18 -22.25 14.07
CA PRO C 63 32.50 -22.29 14.70
C PRO C 63 33.59 -22.76 13.75
#